data_2IUJ
#
_entry.id   2IUJ
#
_cell.length_a   99.990
_cell.length_b   105.310
_cell.length_c   105.920
_cell.angle_alpha   90.00
_cell.angle_beta   90.00
_cell.angle_gamma   90.00
#
_symmetry.space_group_name_H-M   'P 21 21 21'
#
loop_
_entity.id
_entity.type
_entity.pdbx_description
1 polymer 'LIPOXYGENASE L-5'
2 non-polymer 'FE (III) ION'
3 water water
#
_entity_poly.entity_id   1
_entity_poly.type   'polypeptide(L)'
_entity_poly.pdbx_seq_one_letter_code
;MFPFGHKGQKIKGTMVVMQKNVLDINSITSVDGIVGTGLDFLGSALDTVTFLASSISIQLISATKADGGKGKVGKATNLR
GKITLPTIGAKEEAYDAQFDWDSDFGIPGAFYIKNYMQNEFYLKSLILEDIPNHGTIHFICNSWVYNSKHYKTDRIFFAN
NTYLPSETPAPLVKYREEELKNVRGDGTGERKEWDRIYDYDVYNDLGDPDKGEKYARPVLGGSALPYPRRGRTGRGKTRK
DPNSEKPGDFVYLPRDEAFGHLKSSDFLAYGIKSVAQDVLPVLTDAFDGNLLSLDFDNFAEVRKLYEGGVTLPTNFLSNI
TPIPIIKELFRTDGEQFLKYPPPKVMQVDKSAWMTDEEFARETIAGLNPNVIKIIEEFPLSSKLDTQAYGDHTCIITKEH
LEPNLGGLTVEQAIQNKKLFILDHHDYLIPYLRKINANTTKTYATRTIFFLKNDGTLTPLAIELSKPHPQGEEYGPVSEV
YVPSSEGVEAYIWLLAKAYVVVNDACYHQIISHWLNTHAVVEPFVIATNRHLSVVHPIYKLLFPHYRDTMNINSLARKSL
VNADGIIEKTFLWGRYSLEMSAVIYKDWVFTDQALPNDLVKRGVAVKDPSAPHGVRLLIEDYPYASDGLEIWDAIKSWVE
EYVSFYYKSDEELQKDPELQAWWKELVEVGHGDLKDKPWWQKMQTREELVEASATLIWIASALHAAVNFGQYPYGGLILN
RPTISRRFMPEKGSPEYDALAKNPEKEFLKTITGKKETLIDLTIIEILSRHASDEFYLGQRDGGDYWTSDAGPLEAFKRF
GKNLEEIEKKLIEKNNDETLRNRYGPAKMPYTLLYPSSEEGLTFRGIPNSISI
;
_entity_poly.pdbx_strand_id   A
#
# COMPACT_ATOMS: atom_id res chain seq x y z
N GLY A 8 20.53 46.35 -12.31
CA GLY A 8 20.88 44.95 -12.14
C GLY A 8 20.52 44.08 -13.36
N GLN A 9 21.47 43.99 -14.31
CA GLN A 9 21.39 43.33 -15.61
C GLN A 9 20.87 41.92 -15.85
N LYS A 10 21.63 40.92 -15.43
CA LYS A 10 21.34 39.55 -15.72
C LYS A 10 21.42 38.71 -14.47
N ILE A 11 20.30 38.02 -14.25
CA ILE A 11 20.20 37.03 -13.20
C ILE A 11 20.44 35.68 -13.82
N LYS A 12 21.34 34.96 -13.17
CA LYS A 12 21.74 33.65 -13.65
C LYS A 12 20.78 32.53 -13.25
N GLY A 13 20.04 32.06 -14.24
CA GLY A 13 19.20 30.93 -14.03
C GLY A 13 19.96 29.71 -14.51
N THR A 14 19.91 28.63 -13.74
CA THR A 14 20.48 27.37 -14.20
C THR A 14 19.56 26.18 -13.86
N MET A 15 19.00 25.61 -14.93
CA MET A 15 18.02 24.53 -14.85
C MET A 15 18.57 23.13 -14.90
N VAL A 16 18.10 22.25 -14.01
CA VAL A 16 18.49 20.84 -14.04
C VAL A 16 17.28 19.97 -14.30
N VAL A 17 17.57 18.99 -15.13
CA VAL A 17 16.57 18.10 -15.69
C VAL A 17 17.05 16.68 -15.90
N MET A 18 16.11 15.75 -16.15
CA MET A 18 16.45 14.40 -16.60
C MET A 18 15.72 14.08 -17.90
N GLN A 19 16.41 13.58 -18.93
CA GLN A 19 15.71 13.26 -20.18
C GLN A 19 14.87 11.97 -20.18
N LYS A 20 13.79 11.93 -20.97
CA LYS A 20 12.83 10.83 -21.07
C LYS A 20 13.43 9.43 -21.08
N ASN A 21 14.45 9.18 -21.90
CA ASN A 21 15.16 7.91 -22.01
C ASN A 21 15.91 7.34 -20.78
N VAL A 22 16.07 8.18 -19.76
CA VAL A 22 16.83 7.92 -18.55
C VAL A 22 15.93 7.38 -17.43
N LEU A 23 14.65 7.75 -17.47
CA LEU A 23 13.59 7.26 -16.59
C LEU A 23 12.51 6.37 -17.23
N ASP A 24 12.96 5.67 -18.27
CA ASP A 24 12.17 4.84 -19.14
C ASP A 24 12.78 3.47 -19.14
N ILE A 25 11.95 2.42 -19.20
CA ILE A 25 12.45 1.03 -19.15
C ILE A 25 13.17 0.66 -20.46
N ASN A 26 12.74 1.16 -21.63
CA ASN A 26 13.42 0.85 -22.88
C ASN A 26 14.29 1.96 -23.49
N SER A 27 13.73 3.12 -23.90
CA SER A 27 14.40 4.24 -24.60
C SER A 27 15.88 4.54 -24.36
N ILE A 28 16.54 4.78 -25.51
CA ILE A 28 17.97 5.04 -25.79
C ILE A 28 18.77 3.75 -26.03
N THR A 29 19.93 3.92 -26.69
CA THR A 29 20.93 2.90 -27.04
C THR A 29 22.23 3.22 -26.28
N SER A 30 22.78 4.35 -26.76
CA SER A 30 24.00 5.01 -26.32
C SER A 30 23.83 6.40 -26.93
N VAL A 31 23.66 6.43 -28.27
CA VAL A 31 23.46 7.64 -29.05
C VAL A 31 22.07 7.68 -29.68
CA ALA A 45 18.63 6.53 -29.24
C ALA A 45 17.87 7.84 -29.06
N LEU A 46 17.05 7.92 -28.00
CA LEU A 46 16.28 9.13 -27.71
C LEU A 46 16.81 9.95 -26.54
N ASP A 47 18.13 10.11 -26.61
CA ASP A 47 18.91 10.85 -25.63
C ASP A 47 18.77 12.36 -25.59
N THR A 48 18.10 12.98 -26.60
CA THR A 48 17.80 14.41 -26.79
C THR A 48 18.80 15.37 -26.10
N VAL A 49 19.76 15.81 -26.90
CA VAL A 49 20.93 16.42 -26.29
C VAL A 49 21.38 17.88 -26.52
N THR A 50 21.66 18.35 -27.74
CA THR A 50 22.22 19.68 -27.99
C THR A 50 21.22 20.84 -28.00
N PHE A 51 21.03 21.40 -26.79
CA PHE A 51 20.13 22.51 -26.50
C PHE A 51 20.77 23.90 -26.65
N LEU A 52 19.97 24.82 -27.24
CA LEU A 52 20.39 26.19 -27.57
C LEU A 52 19.27 27.26 -27.57
N ALA A 53 19.45 28.24 -28.49
CA ALA A 53 18.55 29.34 -28.87
C ALA A 53 17.26 28.74 -29.45
N SER A 54 16.47 28.37 -28.42
CA SER A 54 15.19 27.69 -28.43
C SER A 54 15.41 26.18 -28.62
N SER A 55 14.67 25.52 -27.73
CA SER A 55 14.51 24.10 -27.48
C SER A 55 13.67 24.17 -26.22
N ILE A 56 14.11 24.98 -25.24
CA ILE A 56 13.33 25.36 -24.06
C ILE A 56 13.37 26.91 -23.85
N SER A 57 12.25 27.57 -23.48
CA SER A 57 12.19 29.00 -23.20
C SER A 57 11.69 29.18 -21.78
N ILE A 58 12.12 30.19 -20.99
CA ILE A 58 11.57 30.45 -19.65
C ILE A 58 11.14 31.91 -19.56
N GLN A 59 10.01 32.14 -18.93
CA GLN A 59 9.60 33.48 -18.55
C GLN A 59 9.67 33.58 -17.02
N LEU A 60 10.05 34.72 -16.40
CA LEU A 60 10.02 34.85 -14.95
C LEU A 60 8.82 35.64 -14.53
N ILE A 61 8.18 35.19 -13.46
CA ILE A 61 6.98 35.83 -12.91
C ILE A 61 7.45 36.52 -11.66
N SER A 62 6.80 37.63 -11.37
CA SER A 62 7.20 38.46 -10.27
C SER A 62 6.32 38.25 -9.06
N ALA A 63 7.04 38.15 -7.93
CA ALA A 63 6.55 38.00 -6.55
C ALA A 63 6.30 39.33 -5.89
N THR A 64 7.04 40.31 -6.43
CA THR A 64 7.10 41.70 -5.99
C THR A 64 6.35 42.76 -6.82
N LYS A 65 6.46 42.80 -8.18
CA LYS A 65 5.86 43.86 -9.03
C LYS A 65 4.75 43.43 -10.01
N ALA A 66 3.63 44.14 -10.00
CA ALA A 66 2.47 43.79 -10.80
C ALA A 66 1.95 44.58 -12.02
N ASP A 67 0.94 43.95 -12.64
CA ASP A 67 0.14 44.48 -13.73
C ASP A 67 -1.30 44.10 -13.45
N GLY A 68 -1.92 44.98 -12.65
CA GLY A 68 -3.29 44.87 -12.17
C GLY A 68 -3.34 44.58 -10.67
N GLY A 69 -2.99 43.31 -10.49
CA GLY A 69 -2.85 42.61 -9.23
C GLY A 69 -2.32 41.24 -9.65
N LYS A 70 -1.29 41.27 -10.49
CA LYS A 70 -0.65 40.09 -11.05
C LYS A 70 0.75 40.43 -11.51
N GLY A 71 1.67 39.66 -10.97
CA GLY A 71 3.08 39.84 -11.18
C GLY A 71 3.47 39.83 -12.61
N LYS A 72 4.38 40.75 -12.85
CA LYS A 72 5.06 40.95 -14.11
C LYS A 72 5.59 39.61 -14.63
N VAL A 73 5.50 39.37 -15.95
CA VAL A 73 6.11 38.17 -16.50
C VAL A 73 7.17 38.63 -17.48
N GLY A 74 8.37 38.03 -17.49
CA GLY A 74 9.42 38.66 -18.25
C GLY A 74 10.29 37.85 -19.16
N LYS A 75 9.91 38.22 -20.39
CA LYS A 75 10.48 37.88 -21.68
C LYS A 75 11.11 36.52 -21.87
N ALA A 76 10.51 35.80 -22.83
CA ALA A 76 10.96 34.47 -23.15
C ALA A 76 12.44 34.48 -23.45
N THR A 77 13.08 33.64 -22.63
CA THR A 77 14.51 33.49 -22.57
C THR A 77 14.93 32.08 -22.95
N ASN A 78 15.75 31.90 -23.98
CA ASN A 78 16.29 30.59 -24.39
C ASN A 78 17.39 30.02 -23.51
N LEU A 79 17.60 28.72 -23.50
CA LEU A 79 18.59 28.15 -22.60
C LEU A 79 19.96 27.85 -23.19
N ARG A 80 20.61 29.01 -23.16
CA ARG A 80 21.92 29.30 -23.70
C ARG A 80 23.15 28.50 -23.23
N GLY A 81 22.88 27.50 -22.38
CA GLY A 81 23.88 26.63 -21.80
C GLY A 81 23.49 25.16 -21.90
N LYS A 82 24.44 24.35 -21.41
CA LYS A 82 24.34 22.90 -21.50
C LYS A 82 25.42 22.12 -20.74
N ILE A 83 26.28 22.74 -19.92
CA ILE A 83 27.28 21.92 -19.23
C ILE A 83 27.33 22.00 -17.71
N THR A 84 28.03 20.97 -17.21
CA THR A 84 28.27 20.58 -15.81
C THR A 84 28.14 21.55 -14.66
N LEU A 85 27.58 21.05 -13.56
CA LEU A 85 27.43 21.85 -12.35
C LEU A 85 28.25 21.45 -11.10
N PRO A 86 29.37 20.72 -11.17
CA PRO A 86 29.59 19.46 -11.93
C PRO A 86 29.01 18.19 -11.30
N THR A 87 28.41 18.48 -10.15
CA THR A 87 27.78 17.53 -9.26
C THR A 87 26.29 17.53 -9.53
N ILE A 88 25.93 17.53 -10.82
CA ILE A 88 24.54 17.61 -11.27
C ILE A 88 23.73 16.43 -10.71
N GLY A 89 24.23 15.22 -10.97
CA GLY A 89 23.59 13.97 -10.57
C GLY A 89 23.79 12.92 -11.66
N ALA A 90 23.39 11.69 -11.33
CA ALA A 90 23.50 10.60 -12.28
C ALA A 90 22.37 10.73 -13.30
N LYS A 91 22.82 10.82 -14.56
CA LYS A 91 21.96 10.98 -15.73
C LYS A 91 21.10 12.26 -15.78
N GLU A 92 21.63 13.32 -15.16
CA GLU A 92 20.98 14.62 -15.11
C GLU A 92 21.74 15.66 -15.91
N GLU A 93 21.02 16.32 -16.82
CA GLU A 93 21.58 17.37 -17.65
C GLU A 93 21.27 18.71 -16.99
N ALA A 94 22.14 19.71 -17.14
CA ALA A 94 21.87 21.04 -16.59
C ALA A 94 22.10 22.17 -17.58
N TYR A 95 21.09 23.03 -17.70
CA TYR A 95 21.08 24.17 -18.62
C TYR A 95 21.28 25.49 -17.92
N ASP A 96 21.48 26.53 -18.72
CA ASP A 96 21.86 27.81 -18.19
C ASP A 96 21.25 28.98 -18.94
N ALA A 97 20.73 29.98 -18.22
CA ALA A 97 20.18 31.15 -18.88
C ALA A 97 20.56 32.42 -18.13
N GLN A 98 20.80 33.50 -18.89
CA GLN A 98 21.08 34.81 -18.30
C GLN A 98 19.91 35.76 -18.57
N PHE A 99 19.02 35.90 -17.57
CA PHE A 99 17.78 36.67 -17.63
C PHE A 99 18.03 38.14 -17.39
N ASP A 100 17.68 38.95 -18.37
CA ASP A 100 17.83 40.37 -18.18
C ASP A 100 16.67 41.01 -17.45
N TRP A 101 16.90 41.27 -16.16
CA TRP A 101 15.90 41.97 -15.36
C TRP A 101 16.44 43.30 -14.81
N ASP A 102 15.71 43.98 -13.93
CA ASP A 102 16.19 45.22 -13.34
C ASP A 102 15.99 45.33 -11.84
N SER A 103 14.82 45.79 -11.38
CA SER A 103 14.46 46.14 -10.02
C SER A 103 12.97 46.45 -9.94
N ASP A 104 12.46 47.05 -11.04
CA ASP A 104 11.06 47.39 -11.18
C ASP A 104 10.22 46.23 -11.68
N PHE A 105 10.94 45.13 -11.90
CA PHE A 105 10.36 43.81 -12.14
C PHE A 105 10.18 43.21 -10.74
N GLY A 106 11.03 43.53 -9.79
CA GLY A 106 10.88 43.06 -8.44
C GLY A 106 11.51 41.72 -8.29
N ILE A 107 11.30 41.09 -7.16
CA ILE A 107 11.83 39.75 -6.98
C ILE A 107 10.89 38.67 -7.55
N PRO A 108 11.42 37.78 -8.41
CA PRO A 108 10.70 36.66 -8.94
C PRO A 108 10.54 35.58 -7.89
N GLY A 109 9.30 35.09 -7.84
CA GLY A 109 8.94 33.97 -6.98
C GLY A 109 8.00 33.01 -7.71
N ALA A 110 8.34 32.63 -8.96
CA ALA A 110 7.53 31.83 -9.87
C ALA A 110 8.03 31.92 -11.31
N PHE A 111 7.78 30.93 -12.17
CA PHE A 111 8.09 31.03 -13.60
C PHE A 111 7.17 30.19 -14.49
N TYR A 112 7.01 30.60 -15.77
CA TYR A 112 6.29 29.81 -16.76
C TYR A 112 7.35 29.13 -17.65
N ILE A 113 7.25 27.88 -18.18
CA ILE A 113 8.34 27.32 -19.02
C ILE A 113 7.72 26.72 -20.28
N LYS A 114 8.49 26.53 -21.35
CA LYS A 114 8.00 25.95 -22.59
C LYS A 114 9.00 25.04 -23.23
N ASN A 115 8.45 23.85 -23.52
CA ASN A 115 9.21 22.78 -24.09
C ASN A 115 8.83 22.81 -25.54
N TYR A 116 9.87 23.01 -26.35
CA TYR A 116 9.72 23.08 -27.81
C TYR A 116 10.14 21.75 -28.40
N MET A 117 10.88 20.94 -27.65
CA MET A 117 11.23 19.60 -28.09
C MET A 117 10.06 18.67 -28.29
N GLN A 118 10.33 17.55 -28.99
CA GLN A 118 9.34 16.48 -29.24
C GLN A 118 8.99 15.78 -27.94
N ASN A 119 10.09 15.30 -27.33
CA ASN A 119 10.09 14.67 -26.03
C ASN A 119 9.90 15.63 -24.87
N GLU A 120 9.43 15.01 -23.81
CA GLU A 120 9.24 15.66 -22.54
C GLU A 120 10.55 15.46 -21.81
N PHE A 121 10.83 16.34 -20.84
CA PHE A 121 12.02 16.20 -20.02
C PHE A 121 11.50 16.21 -18.58
N TYR A 122 12.21 15.55 -17.64
CA TYR A 122 11.87 15.62 -16.24
C TYR A 122 12.58 16.84 -15.61
N LEU A 123 11.84 17.91 -15.35
CA LEU A 123 12.44 19.11 -14.75
C LEU A 123 12.57 18.91 -13.27
N LYS A 124 13.81 18.96 -12.79
CA LYS A 124 14.12 18.77 -11.35
C LYS A 124 13.99 20.04 -10.49
N SER A 125 14.79 21.07 -10.87
CA SER A 125 14.95 22.38 -10.21
C SER A 125 15.34 23.54 -11.13
N LEU A 126 15.26 24.74 -10.57
CA LEU A 126 15.82 25.92 -11.22
C LEU A 126 16.33 26.82 -10.08
N ILE A 127 17.65 27.12 -10.08
CA ILE A 127 18.21 28.09 -9.13
C ILE A 127 18.45 29.47 -9.76
N LEU A 128 17.85 30.50 -9.16
CA LEU A 128 18.03 31.87 -9.60
C LEU A 128 19.10 32.63 -8.83
N GLU A 129 20.35 32.54 -9.24
CA GLU A 129 21.45 33.23 -8.59
C GLU A 129 21.68 34.69 -8.97
N ASP A 130 22.82 35.26 -8.56
CA ASP A 130 23.34 36.61 -8.84
C ASP A 130 22.35 37.78 -8.95
N ILE A 131 21.22 37.61 -8.28
CA ILE A 131 20.16 38.59 -8.20
C ILE A 131 20.58 39.67 -7.21
N PRO A 132 20.70 40.94 -7.63
CA PRO A 132 21.26 42.03 -6.82
C PRO A 132 20.42 42.36 -5.59
N ASN A 133 21.12 42.54 -4.47
CA ASN A 133 20.56 42.84 -3.14
C ASN A 133 19.74 41.71 -2.51
N HIS A 134 19.48 40.62 -3.27
CA HIS A 134 18.73 39.47 -2.80
C HIS A 134 19.46 38.15 -3.01
N GLY A 135 19.02 37.15 -2.28
CA GLY A 135 19.67 35.85 -2.36
C GLY A 135 19.13 34.94 -3.44
N THR A 136 20.03 33.98 -3.77
CA THR A 136 19.86 32.90 -4.75
C THR A 136 18.52 32.22 -4.49
N ILE A 137 17.62 32.16 -5.47
CA ILE A 137 16.29 31.58 -5.24
C ILE A 137 16.14 30.14 -5.78
N HIS A 138 15.47 29.28 -4.99
CA HIS A 138 15.26 27.88 -5.38
C HIS A 138 13.85 27.55 -5.84
N PHE A 139 13.77 26.85 -6.98
CA PHE A 139 12.50 26.31 -7.47
C PHE A 139 12.63 24.79 -7.40
N ILE A 140 11.78 24.08 -6.63
CA ILE A 140 11.81 22.61 -6.66
C ILE A 140 10.61 22.08 -7.46
N CYS A 141 11.01 21.56 -8.62
CA CYS A 141 9.99 21.22 -9.55
C CYS A 141 9.61 19.75 -9.50
N ASN A 142 10.43 18.83 -10.00
CA ASN A 142 10.12 17.40 -10.01
C ASN A 142 8.77 17.06 -10.65
N SER A 143 8.77 17.52 -11.90
CA SER A 143 7.62 17.44 -12.78
C SER A 143 8.13 17.39 -14.20
N TRP A 144 7.37 16.70 -15.02
CA TRP A 144 7.68 16.55 -16.44
C TRP A 144 7.12 17.71 -17.18
N VAL A 145 7.83 18.18 -18.21
CA VAL A 145 7.27 19.18 -19.10
C VAL A 145 7.27 18.60 -20.49
N TYR A 146 6.05 18.34 -20.94
CA TYR A 146 5.78 17.88 -22.29
C TYR A 146 5.86 19.08 -23.22
N ASN A 147 5.77 18.83 -24.52
CA ASN A 147 5.78 19.85 -25.55
C ASN A 147 4.71 20.92 -25.31
N SER A 148 5.04 22.17 -25.71
CA SER A 148 4.23 23.36 -25.40
C SER A 148 2.79 23.34 -25.88
N LYS A 149 2.56 22.43 -26.82
CA LYS A 149 1.29 22.33 -27.51
C LYS A 149 0.23 21.51 -26.82
N HIS A 150 0.70 20.64 -25.90
CA HIS A 150 -0.17 19.82 -25.06
C HIS A 150 -0.86 20.66 -24.01
N TYR A 151 -0.39 21.88 -23.77
CA TYR A 151 -0.90 22.75 -22.71
C TYR A 151 -1.62 23.99 -23.24
N LYS A 152 -2.78 24.35 -22.64
CA LYS A 152 -3.52 25.56 -22.97
C LYS A 152 -2.71 26.74 -22.43
N THR A 153 -2.39 26.61 -21.13
CA THR A 153 -1.60 27.48 -20.26
C THR A 153 -0.21 26.89 -20.14
N ASP A 154 0.92 27.59 -20.28
CA ASP A 154 2.22 26.96 -20.09
C ASP A 154 2.50 26.64 -18.64
N ARG A 155 3.36 25.64 -18.42
CA ARG A 155 3.67 25.16 -17.08
C ARG A 155 4.14 26.21 -16.10
N ILE A 156 3.40 26.46 -15.01
CA ILE A 156 3.95 27.28 -13.95
C ILE A 156 4.43 26.49 -12.74
N PHE A 157 5.63 26.96 -12.34
CA PHE A 157 6.40 26.52 -11.20
C PHE A 157 6.75 27.64 -10.21
N PHE A 158 6.27 27.57 -8.97
CA PHE A 158 6.59 28.55 -7.94
C PHE A 158 7.94 28.27 -7.25
N ALA A 159 8.50 29.24 -6.51
CA ALA A 159 9.73 29.05 -5.74
C ALA A 159 9.39 28.33 -4.44
N ASN A 160 10.46 27.83 -3.76
CA ASN A 160 10.30 27.00 -2.56
C ASN A 160 9.83 27.64 -1.26
N ASN A 161 9.10 28.72 -1.36
CA ASN A 161 8.53 29.47 -0.27
C ASN A 161 7.23 28.92 0.23
N THR A 162 7.15 28.43 1.47
CA THR A 162 5.88 27.94 1.96
C THR A 162 4.99 29.13 2.28
N TYR A 163 3.73 29.11 1.89
CA TYR A 163 2.83 30.21 2.12
C TYR A 163 1.48 29.66 2.48
N LEU A 164 0.94 30.11 3.60
CA LEU A 164 -0.45 29.85 3.89
C LEU A 164 -1.20 30.77 2.91
N PRO A 165 -2.49 30.64 2.68
CA PRO A 165 -3.22 31.48 1.73
C PRO A 165 -3.12 33.01 1.95
N SER A 166 -3.36 33.39 3.20
CA SER A 166 -3.30 34.76 3.66
C SER A 166 -1.86 34.97 4.11
N GLU A 167 -1.00 34.73 3.12
CA GLU A 167 0.44 34.84 3.25
C GLU A 167 1.02 34.84 1.85
N THR A 168 0.19 34.76 0.81
CA THR A 168 0.67 34.85 -0.57
C THR A 168 1.06 36.29 -0.94
N PRO A 169 2.18 36.51 -1.63
CA PRO A 169 2.40 37.63 -2.50
C PRO A 169 1.20 38.07 -3.32
N ALA A 170 0.86 39.36 -3.27
CA ALA A 170 -0.27 39.90 -4.01
C ALA A 170 -0.19 39.89 -5.54
N PRO A 171 0.98 39.93 -6.20
CA PRO A 171 1.17 39.48 -7.57
C PRO A 171 1.01 37.98 -7.83
N LEU A 172 1.30 37.16 -6.80
CA LEU A 172 1.12 35.72 -6.91
C LEU A 172 -0.21 35.14 -6.47
N VAL A 173 -1.14 35.82 -5.75
CA VAL A 173 -2.43 35.19 -5.39
C VAL A 173 -3.21 34.63 -6.57
N LYS A 174 -3.28 35.36 -7.71
CA LYS A 174 -4.01 34.96 -8.90
C LYS A 174 -3.36 33.81 -9.65
N TYR A 175 -2.03 33.70 -9.72
CA TYR A 175 -1.36 32.53 -10.31
C TYR A 175 -1.52 31.26 -9.47
N ARG A 176 -1.64 31.40 -8.15
CA ARG A 176 -1.80 30.29 -7.21
C ARG A 176 -3.21 29.73 -7.29
N GLU A 177 -4.16 30.66 -7.32
CA GLU A 177 -5.58 30.39 -7.51
C GLU A 177 -5.80 29.70 -8.86
N GLU A 178 -5.24 30.29 -9.94
CA GLU A 178 -5.32 29.83 -11.33
C GLU A 178 -4.79 28.41 -11.49
N GLU A 179 -3.66 28.07 -10.82
CA GLU A 179 -2.98 26.77 -10.89
C GLU A 179 -3.67 25.59 -10.23
N LEU A 180 -4.50 25.92 -9.26
CA LEU A 180 -5.28 24.96 -8.54
C LEU A 180 -6.58 24.64 -9.25
N LYS A 181 -7.03 25.56 -10.12
CA LYS A 181 -8.17 25.36 -11.03
C LYS A 181 -7.86 24.40 -12.17
N ASN A 182 -6.65 24.52 -12.72
CA ASN A 182 -6.17 23.70 -13.82
C ASN A 182 -5.82 22.27 -13.47
N VAL A 183 -5.48 22.03 -12.19
CA VAL A 183 -5.24 20.70 -11.62
C VAL A 183 -6.58 20.03 -11.26
N ARG A 184 -7.59 20.84 -10.96
CA ARG A 184 -8.96 20.46 -10.65
C ARG A 184 -9.76 19.99 -11.87
N GLY A 185 -9.61 20.67 -13.02
CA GLY A 185 -10.20 20.40 -14.32
C GLY A 185 -11.54 19.68 -14.43
N ASP A 186 -12.62 20.49 -14.38
CA ASP A 186 -14.05 20.18 -14.58
C ASP A 186 -14.87 18.88 -14.53
N GLY A 187 -14.30 17.69 -14.57
CA GLY A 187 -15.09 16.47 -14.43
C GLY A 187 -15.65 16.00 -15.74
N THR A 188 -14.94 16.37 -16.79
CA THR A 188 -15.31 15.95 -18.12
C THR A 188 -14.02 15.58 -18.82
N GLY A 189 -14.16 14.58 -19.68
CA GLY A 189 -13.10 14.25 -20.60
C GLY A 189 -12.22 13.13 -20.18
N GLU A 190 -11.84 12.53 -21.29
CA GLU A 190 -10.94 11.42 -21.30
C GLU A 190 -9.55 11.95 -21.07
N ARG A 191 -8.92 11.40 -20.05
CA ARG A 191 -7.66 11.90 -19.58
C ARG A 191 -6.43 11.31 -20.23
N LYS A 192 -5.53 12.24 -20.52
CA LYS A 192 -4.28 11.96 -21.23
C LYS A 192 -3.02 11.98 -20.41
N GLU A 193 -2.06 11.22 -20.91
CA GLU A 193 -0.77 10.99 -20.31
C GLU A 193 -0.09 12.17 -19.65
N TRP A 194 -0.24 13.31 -20.32
CA TRP A 194 0.39 14.57 -20.00
C TRP A 194 -0.46 15.44 -19.09
N ASP A 195 -1.64 14.94 -18.72
CA ASP A 195 -2.51 15.66 -17.85
C ASP A 195 -2.11 15.61 -16.38
N ARG A 196 -2.65 16.54 -15.57
CA ARG A 196 -2.47 16.64 -14.12
C ARG A 196 -3.79 17.06 -13.51
N ILE A 197 -4.83 16.29 -13.83
CA ILE A 197 -6.17 16.53 -13.30
C ILE A 197 -6.63 15.43 -12.35
N TYR A 198 -6.70 15.93 -11.11
CA TYR A 198 -7.07 15.15 -9.97
C TYR A 198 -8.55 15.37 -9.90
N ASP A 199 -9.23 14.26 -10.08
CA ASP A 199 -10.66 14.21 -9.94
C ASP A 199 -10.92 12.76 -9.60
N TYR A 200 -12.12 12.58 -9.04
CA TYR A 200 -12.58 11.31 -8.52
C TYR A 200 -13.59 10.58 -9.39
N ASP A 201 -13.65 9.28 -9.17
CA ASP A 201 -14.68 8.44 -9.76
C ASP A 201 -14.74 7.13 -9.00
N VAL A 202 -15.90 6.48 -9.12
CA VAL A 202 -16.20 5.26 -8.40
C VAL A 202 -15.42 4.12 -8.98
N TYR A 203 -15.34 2.99 -8.27
CA TYR A 203 -14.69 1.82 -8.85
C TYR A 203 -15.72 1.12 -9.75
N ASN A 204 -15.71 1.52 -11.02
CA ASN A 204 -16.61 0.92 -11.98
C ASN A 204 -15.86 0.43 -13.20
N ASP A 205 -14.56 0.21 -13.06
CA ASP A 205 -13.72 -0.15 -14.16
C ASP A 205 -12.98 -1.44 -13.88
N LEU A 206 -13.54 -2.20 -12.93
CA LEU A 206 -12.92 -3.45 -12.55
C LEU A 206 -13.41 -4.61 -13.41
N GLY A 207 -14.68 -4.54 -13.84
CA GLY A 207 -15.26 -5.58 -14.66
C GLY A 207 -15.00 -5.43 -16.16
N ASP A 208 -15.14 -6.55 -16.89
CA ASP A 208 -15.16 -6.54 -18.35
C ASP A 208 -16.48 -7.13 -18.83
N PRO A 209 -17.61 -6.42 -18.70
CA PRO A 209 -18.96 -6.93 -18.94
C PRO A 209 -19.23 -7.23 -20.40
N ASP A 210 -18.48 -6.60 -21.32
CA ASP A 210 -18.63 -6.77 -22.76
C ASP A 210 -18.08 -8.06 -23.29
N LYS A 211 -16.94 -8.49 -22.77
CA LYS A 211 -16.35 -9.76 -23.17
C LYS A 211 -16.77 -10.95 -22.30
N GLY A 212 -18.07 -10.95 -22.00
CA GLY A 212 -18.76 -11.97 -21.24
C GLY A 212 -19.60 -11.31 -20.16
N GLU A 213 -20.84 -11.72 -19.85
CA GLU A 213 -21.56 -11.06 -18.76
C GLU A 213 -21.34 -11.75 -17.42
N LYS A 214 -20.26 -12.53 -17.40
CA LYS A 214 -19.80 -13.17 -16.17
C LYS A 214 -18.56 -12.48 -15.62
N TYR A 215 -17.95 -11.54 -16.35
CA TYR A 215 -16.81 -10.79 -15.84
C TYR A 215 -17.31 -9.45 -15.39
N ALA A 216 -18.61 -9.32 -15.28
CA ALA A 216 -19.19 -8.08 -14.86
C ALA A 216 -19.24 -8.07 -13.35
N ARG A 217 -18.60 -7.03 -12.82
CA ARG A 217 -18.53 -6.85 -11.38
C ARG A 217 -19.37 -5.66 -10.95
N PRO A 218 -19.84 -5.46 -9.70
CA PRO A 218 -20.58 -4.27 -9.26
C PRO A 218 -19.70 -3.07 -8.96
N VAL A 219 -20.38 -1.94 -8.98
CA VAL A 219 -19.75 -0.68 -8.67
C VAL A 219 -19.48 -0.68 -7.18
N LEU A 220 -18.26 -0.22 -6.84
CA LEU A 220 -17.86 0.00 -5.46
C LEU A 220 -17.80 1.54 -5.35
N GLY A 221 -18.89 2.03 -4.79
CA GLY A 221 -19.12 3.44 -4.62
C GLY A 221 -20.61 3.74 -4.64
N GLY A 222 -21.06 4.41 -3.59
CA GLY A 222 -22.44 4.86 -3.50
C GLY A 222 -23.25 4.23 -2.38
N SER A 223 -24.58 4.38 -2.50
CA SER A 223 -25.62 3.85 -1.60
C SER A 223 -25.43 2.36 -1.27
N ALA A 224 -25.59 1.57 -2.37
CA ALA A 224 -25.53 0.13 -2.39
C ALA A 224 -24.22 -0.41 -1.90
N LEU A 225 -23.10 -0.12 -2.57
CA LEU A 225 -21.77 -0.51 -2.05
C LEU A 225 -20.86 0.68 -1.70
N PRO A 226 -20.80 1.19 -0.44
CA PRO A 226 -19.81 2.13 0.06
C PRO A 226 -18.35 1.85 -0.26
N TYR A 227 -17.57 2.83 -0.74
CA TYR A 227 -16.16 2.61 -0.98
C TYR A 227 -15.46 3.95 -1.21
N PRO A 228 -14.14 4.10 -1.12
CA PRO A 228 -13.46 5.28 -1.59
C PRO A 228 -13.49 5.39 -3.10
N ARG A 229 -13.04 6.59 -3.46
CA ARG A 229 -12.95 7.01 -4.82
C ARG A 229 -11.57 6.73 -5.34
N ARG A 230 -11.55 6.58 -6.67
CA ARG A 230 -10.30 6.44 -7.39
C ARG A 230 -10.16 7.61 -8.33
N GLY A 231 -8.93 7.78 -8.83
CA GLY A 231 -8.66 8.85 -9.78
C GLY A 231 -9.52 8.69 -11.01
N ARG A 232 -10.15 9.76 -11.48
CA ARG A 232 -10.96 9.73 -12.70
C ARG A 232 -10.07 9.59 -13.92
N THR A 233 -10.51 8.74 -14.85
CA THR A 233 -9.73 8.43 -16.04
C THR A 233 -10.43 8.79 -17.34
N GLY A 234 -11.74 8.95 -17.20
CA GLY A 234 -12.61 9.39 -18.26
C GLY A 234 -12.73 8.51 -19.53
N ARG A 235 -12.39 7.21 -19.57
CA ARG A 235 -12.56 6.43 -20.79
C ARG A 235 -14.02 6.16 -21.09
N GLY A 236 -14.25 5.67 -22.31
CA GLY A 236 -15.60 5.42 -22.74
C GLY A 236 -16.29 4.30 -21.98
N LYS A 237 -17.63 4.36 -21.88
CA LYS A 237 -18.39 3.34 -21.17
C LYS A 237 -18.44 2.00 -21.90
N THR A 238 -18.97 0.94 -21.31
CA THR A 238 -19.03 -0.31 -22.05
C THR A 238 -20.29 -0.38 -22.88
N ARG A 239 -20.21 -1.25 -23.89
CA ARG A 239 -21.30 -1.52 -24.80
C ARG A 239 -22.50 -2.03 -24.02
N LYS A 240 -22.28 -3.03 -23.14
CA LYS A 240 -23.34 -3.64 -22.35
C LYS A 240 -23.72 -2.88 -21.09
N ASP A 241 -22.85 -2.00 -20.58
CA ASP A 241 -23.19 -1.28 -19.36
C ASP A 241 -22.75 0.14 -19.51
N PRO A 242 -23.68 1.06 -19.60
CA PRO A 242 -23.40 2.48 -19.75
C PRO A 242 -22.83 3.08 -18.48
N ASN A 243 -22.91 2.35 -17.36
CA ASN A 243 -22.42 2.85 -16.09
C ASN A 243 -21.14 2.20 -15.62
N SER A 244 -20.40 1.63 -16.55
CA SER A 244 -19.15 1.01 -16.26
C SER A 244 -18.27 1.41 -17.42
N GLU A 245 -17.04 1.67 -16.99
CA GLU A 245 -15.96 2.15 -17.81
C GLU A 245 -15.21 1.05 -18.51
N LYS A 246 -15.00 1.23 -19.82
CA LYS A 246 -14.31 0.25 -20.62
C LYS A 246 -12.88 0.13 -20.12
N PRO A 247 -12.21 -1.01 -20.30
CA PRO A 247 -10.77 -1.17 -20.16
C PRO A 247 -9.88 -0.26 -20.98
N GLY A 248 -8.63 -0.07 -20.55
CA GLY A 248 -7.69 0.76 -21.30
C GLY A 248 -6.32 0.11 -21.32
N ASP A 249 -5.58 0.37 -22.40
CA ASP A 249 -4.21 -0.12 -22.55
C ASP A 249 -3.24 0.67 -21.68
N PHE A 250 -3.72 1.89 -21.37
CA PHE A 250 -3.10 2.89 -20.53
C PHE A 250 -4.14 3.34 -19.53
N VAL A 251 -3.79 3.17 -18.26
CA VAL A 251 -4.66 3.70 -17.24
C VAL A 251 -4.01 4.98 -16.75
N TYR A 252 -4.85 5.99 -16.72
CA TYR A 252 -4.39 7.29 -16.32
C TYR A 252 -4.44 7.53 -14.81
N LEU A 253 -3.34 8.21 -14.50
CA LEU A 253 -3.08 8.80 -13.21
C LEU A 253 -2.43 10.13 -13.57
N PRO A 254 -2.62 11.19 -12.74
CA PRO A 254 -1.96 12.50 -12.82
C PRO A 254 -0.48 12.35 -13.09
N ARG A 255 0.01 12.96 -14.18
CA ARG A 255 1.30 12.56 -14.69
C ARG A 255 2.43 12.42 -13.71
N ASP A 256 2.50 13.33 -12.73
CA ASP A 256 3.65 13.32 -11.84
C ASP A 256 3.65 12.33 -10.68
N GLU A 257 2.53 11.62 -10.57
CA GLU A 257 2.30 10.56 -9.60
C GLU A 257 2.80 9.16 -10.05
N ALA A 258 3.25 9.11 -11.32
CA ALA A 258 3.89 7.95 -11.94
C ALA A 258 5.37 8.31 -12.12
N PHE A 259 6.09 7.63 -11.23
CA PHE A 259 7.52 7.80 -11.17
C PHE A 259 8.27 6.80 -12.02
N GLY A 260 9.24 7.37 -12.72
CA GLY A 260 10.18 6.59 -13.48
C GLY A 260 11.23 6.11 -12.51
N HIS A 261 12.22 5.35 -12.96
CA HIS A 261 13.26 4.81 -12.13
C HIS A 261 14.37 4.83 -13.09
N LEU A 262 15.50 5.23 -12.58
CA LEU A 262 16.74 5.30 -13.35
C LEU A 262 17.29 3.89 -13.68
N LYS A 263 16.84 2.89 -12.89
CA LYS A 263 17.28 1.51 -12.97
C LYS A 263 16.09 0.64 -13.35
N SER A 264 16.34 -0.34 -14.23
CA SER A 264 15.30 -1.25 -14.72
C SER A 264 14.69 -2.21 -13.71
N SER A 265 15.50 -2.61 -12.73
CA SER A 265 15.16 -3.53 -11.66
C SER A 265 14.15 -2.94 -10.71
N ASP A 266 13.95 -1.63 -10.76
CA ASP A 266 13.06 -0.94 -9.85
C ASP A 266 11.67 -0.66 -10.36
N PHE A 267 11.36 -1.17 -11.54
CA PHE A 267 10.03 -1.04 -12.10
C PHE A 267 9.32 -2.30 -11.69
N LEU A 268 8.84 -2.24 -10.47
CA LEU A 268 8.21 -3.40 -9.86
C LEU A 268 6.74 -3.51 -10.21
N ALA A 269 6.05 -2.37 -10.37
CA ALA A 269 4.67 -2.37 -10.81
C ALA A 269 4.63 -2.85 -12.26
N TYR A 270 5.64 -2.48 -13.06
CA TYR A 270 5.81 -2.98 -14.41
C TYR A 270 6.11 -4.49 -14.34
N GLY A 271 6.92 -5.02 -13.42
CA GLY A 271 7.15 -6.46 -13.28
C GLY A 271 5.94 -7.21 -12.73
N ILE A 272 4.95 -6.49 -12.21
CA ILE A 272 3.74 -7.09 -11.76
C ILE A 272 2.67 -6.98 -12.83
N LYS A 273 2.81 -6.04 -13.78
CA LYS A 273 1.91 -6.03 -14.92
C LYS A 273 2.33 -7.18 -15.80
N SER A 274 3.64 -7.30 -15.95
CA SER A 274 4.27 -8.33 -16.71
C SER A 274 4.19 -9.74 -16.10
N VAL A 275 3.54 -9.93 -14.96
CA VAL A 275 3.29 -11.25 -14.40
C VAL A 275 1.89 -11.56 -14.88
N ALA A 276 1.01 -10.61 -14.56
CA ALA A 276 -0.39 -10.72 -14.89
C ALA A 276 -0.68 -10.86 -16.38
N GLN A 277 0.14 -10.21 -17.22
CA GLN A 277 -0.03 -10.19 -18.67
C GLN A 277 0.83 -11.12 -19.46
N ASP A 278 2.00 -11.41 -18.91
CA ASP A 278 2.98 -12.16 -19.65
C ASP A 278 3.34 -13.52 -19.09
N VAL A 279 3.51 -13.60 -17.76
CA VAL A 279 3.98 -14.82 -17.14
C VAL A 279 2.83 -15.78 -16.99
N LEU A 280 1.67 -15.23 -16.67
CA LEU A 280 0.49 -16.03 -16.47
C LEU A 280 0.09 -16.78 -17.75
N PRO A 281 -0.16 -16.20 -18.94
CA PRO A 281 -0.19 -16.92 -20.21
C PRO A 281 0.74 -18.11 -20.40
N VAL A 282 2.04 -17.96 -20.13
CA VAL A 282 3.01 -19.04 -20.27
C VAL A 282 2.69 -20.18 -19.33
N LEU A 283 2.37 -19.84 -18.07
CA LEU A 283 2.09 -20.88 -17.12
C LEU A 283 0.84 -21.58 -17.56
N THR A 284 -0.22 -20.84 -17.92
CA THR A 284 -1.48 -21.42 -18.38
C THR A 284 -1.23 -22.38 -19.52
N ASP A 285 -0.37 -22.06 -20.48
CA ASP A 285 -0.01 -22.95 -21.56
C ASP A 285 0.81 -24.16 -21.16
N ALA A 286 1.67 -24.01 -20.14
CA ALA A 286 2.55 -25.08 -19.70
C ALA A 286 1.82 -26.13 -18.90
N PHE A 287 0.78 -25.70 -18.19
CA PHE A 287 -0.01 -26.62 -17.40
C PHE A 287 -0.95 -27.34 -18.32
N ASP A 288 -1.72 -26.54 -19.08
CA ASP A 288 -2.67 -27.01 -20.07
C ASP A 288 -2.06 -27.99 -21.05
N GLY A 289 -0.89 -27.67 -21.60
CA GLY A 289 -0.14 -28.58 -22.47
C GLY A 289 0.80 -29.51 -21.71
N ASN A 290 0.66 -29.63 -20.37
CA ASN A 290 1.41 -30.54 -19.52
C ASN A 290 2.91 -30.57 -19.71
N LEU A 291 3.47 -29.39 -19.62
CA LEU A 291 4.93 -29.24 -19.51
C LEU A 291 5.31 -29.24 -18.04
N LEU A 292 4.25 -29.05 -17.23
CA LEU A 292 4.19 -28.97 -15.81
C LEU A 292 3.01 -29.80 -15.28
N SER A 293 3.35 -30.64 -14.30
CA SER A 293 2.36 -31.43 -13.60
C SER A 293 1.53 -30.52 -12.70
N LEU A 294 0.23 -30.74 -12.84
CA LEU A 294 -0.77 -29.91 -12.22
C LEU A 294 -0.83 -29.75 -10.71
N ASP A 295 -0.26 -30.69 -9.96
CA ASP A 295 -0.31 -30.62 -8.51
C ASP A 295 0.90 -31.25 -7.85
N PHE A 296 1.34 -30.64 -6.73
CA PHE A 296 2.47 -31.12 -5.93
C PHE A 296 2.13 -32.42 -5.20
N ASP A 297 3.16 -33.27 -5.05
CA ASP A 297 2.98 -34.52 -4.33
C ASP A 297 3.45 -34.45 -2.87
N ASN A 298 4.75 -34.42 -2.57
CA ASN A 298 5.22 -34.19 -1.22
C ASN A 298 5.44 -32.71 -0.91
N PHE A 299 5.78 -32.43 0.36
CA PHE A 299 6.18 -31.12 0.80
C PHE A 299 7.62 -30.88 0.31
N ALA A 300 8.38 -31.92 -0.05
CA ALA A 300 9.71 -31.73 -0.59
C ALA A 300 9.67 -31.20 -2.01
N GLU A 301 8.54 -31.34 -2.71
CA GLU A 301 8.43 -30.79 -4.06
C GLU A 301 8.31 -29.27 -3.90
N VAL A 302 7.38 -28.84 -3.02
CA VAL A 302 7.17 -27.44 -2.70
C VAL A 302 8.47 -26.77 -2.27
N ARG A 303 9.33 -27.37 -1.43
CA ARG A 303 10.55 -26.71 -1.01
C ARG A 303 11.55 -26.55 -2.15
N LYS A 304 11.56 -27.48 -3.12
CA LYS A 304 12.41 -27.40 -4.29
C LYS A 304 12.15 -26.17 -5.14
N LEU A 305 10.94 -25.61 -5.05
CA LEU A 305 10.56 -24.39 -5.72
C LEU A 305 11.62 -23.31 -5.56
N TYR A 306 12.07 -23.25 -4.30
CA TYR A 306 13.07 -22.34 -3.76
C TYR A 306 14.45 -22.95 -3.82
N GLU A 307 14.60 -24.07 -4.50
CA GLU A 307 15.88 -24.76 -4.54
C GLU A 307 16.39 -25.01 -5.93
N GLY A 308 15.51 -24.84 -6.92
CA GLY A 308 15.78 -25.08 -8.34
C GLY A 308 14.75 -24.46 -9.27
N GLY A 309 13.59 -23.99 -8.77
CA GLY A 309 12.63 -23.25 -9.54
C GLY A 309 11.61 -24.07 -10.30
N VAL A 310 10.87 -23.36 -11.14
CA VAL A 310 9.87 -23.86 -12.09
C VAL A 310 10.66 -24.03 -13.36
N THR A 311 10.82 -25.25 -13.84
CA THR A 311 11.58 -25.47 -15.06
C THR A 311 10.67 -25.77 -16.26
N LEU A 312 11.16 -25.52 -17.47
CA LEU A 312 10.38 -25.67 -18.70
C LEU A 312 11.35 -25.92 -19.87
N PRO A 313 11.16 -26.77 -20.90
CA PRO A 313 12.18 -27.09 -21.91
C PRO A 313 12.46 -25.98 -22.91
N THR A 314 13.74 -25.96 -23.28
CA THR A 314 14.34 -25.04 -24.24
C THR A 314 13.40 -24.68 -25.38
N ASN A 315 12.94 -25.72 -26.10
CA ASN A 315 12.06 -25.62 -27.25
C ASN A 315 10.79 -24.92 -26.83
N PHE A 316 10.15 -25.20 -25.69
CA PHE A 316 8.95 -24.48 -25.32
C PHE A 316 9.24 -23.03 -25.02
N LEU A 317 10.38 -22.82 -24.41
CA LEU A 317 10.76 -21.49 -23.99
C LEU A 317 11.24 -20.56 -25.11
N SER A 318 12.09 -21.12 -25.98
CA SER A 318 12.61 -20.41 -27.14
C SER A 318 11.50 -20.04 -28.12
N ASN A 319 10.30 -20.57 -27.93
CA ASN A 319 9.17 -20.21 -28.75
C ASN A 319 8.38 -19.18 -27.93
N ILE A 320 7.91 -19.50 -26.72
CA ILE A 320 7.10 -18.58 -25.91
C ILE A 320 8.02 -17.68 -25.10
N THR A 321 8.39 -16.61 -25.79
CA THR A 321 9.38 -15.65 -25.33
C THR A 321 8.94 -14.20 -25.57
N PRO A 322 9.78 -13.18 -25.29
CA PRO A 322 10.39 -12.93 -24.00
C PRO A 322 9.57 -12.01 -23.13
N ILE A 323 10.00 -12.12 -21.85
CA ILE A 323 9.45 -11.39 -20.71
C ILE A 323 10.67 -11.02 -19.85
N PRO A 324 11.51 -10.05 -20.29
CA PRO A 324 12.82 -9.83 -19.74
C PRO A 324 12.75 -9.00 -18.47
N ILE A 325 11.67 -8.34 -18.01
CA ILE A 325 11.72 -7.73 -16.69
C ILE A 325 11.82 -8.85 -15.65
N ILE A 326 11.36 -10.08 -15.92
CA ILE A 326 11.60 -11.27 -15.11
C ILE A 326 13.08 -11.67 -15.42
N LYS A 327 13.98 -10.66 -15.38
CA LYS A 327 15.40 -10.69 -15.70
C LYS A 327 16.16 -11.25 -14.53
N GLU A 328 17.07 -10.38 -14.04
CA GLU A 328 17.67 -10.52 -12.75
C GLU A 328 16.68 -9.76 -11.87
N LEU A 329 15.37 -9.94 -12.16
CA LEU A 329 14.33 -9.55 -11.25
C LEU A 329 14.21 -10.87 -10.54
N PHE A 330 13.91 -11.95 -11.28
CA PHE A 330 13.93 -13.24 -10.65
C PHE A 330 15.28 -13.94 -10.82
N ARG A 331 16.28 -13.24 -11.42
CA ARG A 331 17.65 -13.69 -11.66
C ARG A 331 17.82 -15.08 -12.24
N THR A 332 16.89 -15.39 -13.15
CA THR A 332 16.78 -16.68 -13.80
C THR A 332 17.93 -16.89 -14.76
N ASP A 333 18.91 -17.51 -14.12
CA ASP A 333 20.16 -17.80 -14.78
C ASP A 333 20.06 -19.02 -15.69
N GLY A 334 20.79 -18.87 -16.79
CA GLY A 334 20.84 -19.81 -17.89
C GLY A 334 19.47 -19.82 -18.58
N GLU A 335 18.88 -21.01 -18.54
CA GLU A 335 17.57 -21.30 -19.11
C GLU A 335 17.00 -22.54 -18.44
N GLN A 336 15.69 -22.70 -18.71
CA GLN A 336 14.75 -23.69 -18.20
C GLN A 336 14.52 -23.30 -16.74
N PHE A 337 13.75 -22.21 -16.61
CA PHE A 337 13.55 -21.50 -15.35
C PHE A 337 12.40 -20.48 -15.14
N LEU A 338 12.36 -20.08 -13.85
CA LEU A 338 11.54 -19.13 -13.08
C LEU A 338 12.05 -19.39 -11.67
N LYS A 339 12.19 -18.43 -10.75
CA LYS A 339 12.96 -18.65 -9.50
C LYS A 339 12.59 -17.94 -8.22
N TYR A 340 12.44 -18.75 -7.17
CA TYR A 340 12.06 -18.21 -5.89
C TYR A 340 13.12 -18.37 -4.80
N PRO A 341 13.35 -17.30 -4.04
CA PRO A 341 14.11 -17.29 -2.79
C PRO A 341 13.51 -18.10 -1.67
N PRO A 342 14.29 -18.77 -0.81
CA PRO A 342 13.81 -19.52 0.36
C PRO A 342 13.20 -18.54 1.34
N PRO A 343 11.89 -18.48 1.63
CA PRO A 343 11.27 -17.52 2.54
C PRO A 343 11.90 -17.56 3.91
N LYS A 344 11.94 -16.44 4.65
CA LYS A 344 12.60 -16.44 5.96
C LYS A 344 12.03 -17.43 6.99
N VAL A 345 10.68 -17.58 7.06
CA VAL A 345 9.98 -18.44 8.01
C VAL A 345 10.26 -19.95 7.81
N MET A 346 11.23 -20.22 6.91
CA MET A 346 11.68 -21.54 6.49
C MET A 346 13.20 -21.59 6.24
N GLN A 347 13.86 -20.45 6.40
CA GLN A 347 15.29 -20.34 6.21
C GLN A 347 16.14 -21.14 7.18
N VAL A 348 15.75 -21.09 8.46
CA VAL A 348 16.48 -21.78 9.51
C VAL A 348 15.77 -22.98 10.10
N ASP A 349 14.45 -22.96 10.41
CA ASP A 349 13.77 -24.16 10.89
C ASP A 349 12.69 -24.47 9.85
N LYS A 350 13.05 -25.37 8.93
CA LYS A 350 12.22 -25.76 7.78
C LYS A 350 10.78 -26.14 8.05
N SER A 351 10.59 -26.65 9.29
CA SER A 351 9.28 -27.12 9.69
C SER A 351 8.66 -26.28 10.78
N ALA A 352 9.28 -25.14 11.09
CA ALA A 352 8.76 -24.24 12.11
C ALA A 352 7.32 -23.81 11.94
N TRP A 353 6.90 -23.81 10.67
CA TRP A 353 5.58 -23.39 10.24
C TRP A 353 4.44 -24.27 10.75
N MET A 354 4.75 -25.50 11.14
CA MET A 354 3.76 -26.45 11.62
C MET A 354 3.38 -26.17 13.06
N THR A 355 4.38 -25.73 13.86
CA THR A 355 4.27 -25.48 15.29
C THR A 355 3.20 -24.46 15.65
N ASP A 356 2.41 -24.75 16.69
CA ASP A 356 1.34 -23.85 17.12
C ASP A 356 1.85 -22.56 17.72
N GLU A 357 3.16 -22.46 18.01
CA GLU A 357 3.72 -21.25 18.61
C GLU A 357 3.98 -20.30 17.45
N GLU A 358 4.44 -20.82 16.30
CA GLU A 358 4.61 -20.04 15.10
C GLU A 358 3.24 -19.69 14.54
N PHE A 359 2.27 -20.62 14.59
CA PHE A 359 0.93 -20.34 14.11
C PHE A 359 0.31 -19.16 14.87
N ALA A 360 0.43 -19.14 16.20
CA ALA A 360 -0.12 -18.07 17.02
C ALA A 360 0.80 -16.86 17.13
N ARG A 361 2.14 -17.04 17.09
CA ARG A 361 3.09 -15.91 17.07
C ARG A 361 2.78 -14.95 15.92
N GLU A 362 2.54 -15.55 14.74
CA GLU A 362 2.26 -14.84 13.51
C GLU A 362 1.00 -14.04 13.53
N THR A 363 0.27 -14.02 14.64
CA THR A 363 -0.97 -13.26 14.79
C THR A 363 -0.67 -11.86 15.27
N ILE A 364 0.45 -11.87 16.00
CA ILE A 364 1.01 -10.81 16.77
C ILE A 364 2.21 -10.25 16.03
N ALA A 365 3.06 -11.09 15.44
CA ALA A 365 4.25 -10.65 14.74
C ALA A 365 4.45 -11.23 13.35
N GLY A 366 3.37 -11.34 12.58
CA GLY A 366 3.48 -11.87 11.23
C GLY A 366 3.18 -10.85 10.15
N LEU A 367 2.85 -11.49 9.02
CA LEU A 367 2.43 -10.86 7.79
C LEU A 367 1.20 -9.96 7.95
N ASN A 368 0.17 -10.39 8.70
CA ASN A 368 -1.06 -9.63 8.89
C ASN A 368 -1.29 -9.41 10.38
N PRO A 369 -0.62 -8.48 11.05
CA PRO A 369 -0.37 -8.52 12.47
C PRO A 369 -1.35 -7.79 13.37
N ASN A 370 -2.50 -7.36 12.84
CA ASN A 370 -3.46 -6.55 13.56
C ASN A 370 -4.95 -6.88 13.57
N VAL A 371 -5.32 -8.15 13.33
CA VAL A 371 -6.74 -8.55 13.32
C VAL A 371 -7.26 -8.97 14.71
N ILE A 372 -6.43 -9.71 15.47
CA ILE A 372 -6.71 -10.25 16.80
C ILE A 372 -7.19 -9.27 17.86
N LYS A 373 -8.13 -9.82 18.62
CA LYS A 373 -8.77 -9.08 19.70
C LYS A 373 -9.09 -9.83 21.00
N ILE A 374 -9.40 -9.08 22.05
CA ILE A 374 -9.78 -9.63 23.36
C ILE A 374 -11.15 -10.30 23.38
N ILE A 375 -11.39 -11.30 24.25
CA ILE A 375 -12.74 -11.84 24.44
C ILE A 375 -13.41 -11.15 25.62
N GLU A 376 -14.52 -10.46 25.36
CA GLU A 376 -15.23 -9.73 26.41
C GLU A 376 -16.28 -10.52 27.17
N GLU A 377 -16.96 -11.44 26.47
CA GLU A 377 -17.98 -12.30 27.03
C GLU A 377 -17.87 -13.68 26.43
N PHE A 378 -18.56 -14.61 27.06
CA PHE A 378 -18.58 -16.01 26.63
C PHE A 378 -19.98 -16.56 26.91
N PRO A 379 -20.71 -17.15 25.94
CA PRO A 379 -20.21 -17.98 24.82
C PRO A 379 -19.33 -17.42 23.71
N LEU A 380 -19.83 -16.43 22.93
CA LEU A 380 -19.26 -15.65 21.81
C LEU A 380 -20.35 -15.54 20.76
N SER A 381 -20.94 -14.34 20.65
CA SER A 381 -22.10 -14.09 19.79
C SER A 381 -21.89 -13.86 18.30
N SER A 382 -23.04 -13.96 17.63
CA SER A 382 -23.11 -13.65 16.24
C SER A 382 -23.90 -12.37 16.16
N LYS A 383 -23.27 -11.45 15.42
CA LYS A 383 -23.88 -10.15 15.23
C LYS A 383 -24.71 -10.07 13.96
N LEU A 384 -25.10 -11.26 13.44
CA LEU A 384 -26.00 -11.33 12.32
C LEU A 384 -27.30 -11.95 12.77
N ASP A 385 -28.32 -11.44 12.08
CA ASP A 385 -29.71 -11.74 12.30
C ASP A 385 -30.15 -13.18 11.99
N THR A 386 -30.90 -13.63 12.99
CA THR A 386 -31.40 -14.99 13.13
C THR A 386 -32.52 -15.42 12.17
N GLN A 387 -33.45 -14.53 11.84
CA GLN A 387 -34.54 -14.82 10.91
C GLN A 387 -34.02 -15.17 9.52
N ALA A 388 -32.83 -14.67 9.18
CA ALA A 388 -32.20 -14.89 7.90
C ALA A 388 -31.02 -15.85 7.89
N TYR A 389 -30.32 -16.05 9.02
CA TYR A 389 -29.14 -16.91 9.06
C TYR A 389 -29.12 -17.90 10.20
N GLY A 390 -29.71 -17.48 11.31
CA GLY A 390 -29.78 -18.31 12.51
C GLY A 390 -28.88 -17.89 13.67
N ASP A 391 -28.77 -18.94 14.48
CA ASP A 391 -27.98 -18.95 15.70
C ASP A 391 -26.56 -19.22 15.26
N HIS A 392 -25.79 -18.14 15.02
CA HIS A 392 -24.38 -18.29 14.65
C HIS A 392 -23.43 -18.02 15.82
N THR A 393 -23.85 -18.53 16.99
CA THR A 393 -23.13 -18.49 18.26
C THR A 393 -21.94 -19.45 18.19
N CYS A 394 -20.91 -19.16 18.98
CA CYS A 394 -19.76 -20.01 19.00
C CYS A 394 -20.00 -21.17 19.95
N ILE A 395 -19.59 -22.25 19.30
CA ILE A 395 -19.70 -23.60 19.80
C ILE A 395 -18.38 -24.13 20.34
N ILE A 396 -17.41 -23.20 20.49
CA ILE A 396 -16.18 -23.40 21.25
C ILE A 396 -16.72 -22.97 22.61
N THR A 397 -16.91 -23.96 23.47
CA THR A 397 -17.42 -23.71 24.80
C THR A 397 -17.00 -24.73 25.86
N LYS A 398 -16.41 -23.97 26.80
CA LYS A 398 -15.92 -24.28 28.13
C LYS A 398 -15.05 -25.51 28.39
N GLU A 399 -15.47 -26.68 27.90
CA GLU A 399 -14.87 -27.98 28.10
C GLU A 399 -13.46 -28.18 27.56
N HIS A 400 -13.36 -28.00 26.24
CA HIS A 400 -12.13 -28.01 25.44
C HIS A 400 -11.20 -26.82 25.62
N LEU A 401 -11.66 -25.79 26.33
CA LEU A 401 -10.83 -24.65 26.67
C LEU A 401 -10.06 -24.73 27.99
N GLU A 402 -10.10 -25.92 28.63
CA GLU A 402 -9.43 -26.21 29.89
C GLU A 402 -8.48 -27.40 29.68
N PRO A 403 -7.20 -27.15 29.36
CA PRO A 403 -6.23 -28.14 28.87
C PRO A 403 -5.10 -28.57 29.83
N ASN A 404 -3.98 -29.08 29.24
CA ASN A 404 -2.74 -29.58 29.87
C ASN A 404 -2.07 -28.60 30.83
N LEU A 405 -1.89 -27.38 30.30
CA LEU A 405 -1.34 -26.23 31.00
C LEU A 405 -2.41 -25.15 30.82
N GLY A 406 -3.28 -25.05 31.82
CA GLY A 406 -4.39 -24.11 31.84
C GLY A 406 -5.25 -24.33 33.07
N GLY A 407 -4.71 -23.92 34.23
CA GLY A 407 -5.33 -24.08 35.54
C GLY A 407 -6.59 -23.25 35.77
N LEU A 408 -6.75 -22.12 35.07
CA LEU A 408 -7.89 -21.21 35.18
C LEU A 408 -9.18 -21.71 34.54
N THR A 409 -10.29 -21.03 34.86
CA THR A 409 -11.54 -21.24 34.14
C THR A 409 -11.55 -20.33 32.91
N VAL A 410 -12.51 -20.51 31.99
CA VAL A 410 -12.67 -19.62 30.84
C VAL A 410 -13.03 -18.25 31.39
N GLU A 411 -13.75 -18.27 32.51
CA GLU A 411 -14.21 -17.09 33.23
C GLU A 411 -13.09 -16.38 33.97
N GLN A 412 -12.01 -17.08 34.35
CA GLN A 412 -10.83 -16.48 34.98
C GLN A 412 -9.94 -15.96 33.89
N ALA A 413 -9.76 -16.73 32.79
CA ALA A 413 -8.95 -16.30 31.66
C ALA A 413 -9.47 -15.03 30.99
N ILE A 414 -10.79 -14.78 30.85
CA ILE A 414 -11.23 -13.52 30.25
C ILE A 414 -11.08 -12.40 31.26
N GLN A 415 -11.27 -12.77 32.54
CA GLN A 415 -11.18 -11.87 33.69
C GLN A 415 -9.77 -11.29 33.71
N ASN A 416 -8.82 -12.20 33.57
CA ASN A 416 -7.41 -11.87 33.57
C ASN A 416 -6.77 -11.31 32.30
N LYS A 417 -7.57 -10.99 31.26
CA LYS A 417 -7.09 -10.48 29.97
C LYS A 417 -6.10 -11.41 29.27
N LYS A 418 -6.53 -12.68 29.22
CA LYS A 418 -5.73 -13.79 28.69
C LYS A 418 -6.32 -14.57 27.50
N LEU A 419 -7.64 -14.42 27.25
CA LEU A 419 -8.32 -15.10 26.14
C LEU A 419 -8.63 -14.18 24.95
N PHE A 420 -8.25 -14.66 23.76
CA PHE A 420 -8.33 -13.93 22.48
C PHE A 420 -9.00 -14.61 21.25
N ILE A 421 -9.75 -13.92 20.37
CA ILE A 421 -10.29 -14.47 19.12
C ILE A 421 -9.57 -13.98 17.88
N LEU A 422 -9.71 -14.75 16.78
CA LEU A 422 -9.38 -14.34 15.41
C LEU A 422 -10.73 -14.62 14.76
N ASP A 423 -11.70 -13.71 14.80
CA ASP A 423 -12.97 -13.89 14.14
C ASP A 423 -12.99 -13.56 12.64
N HIS A 424 -13.14 -14.69 11.97
CA HIS A 424 -13.30 -14.75 10.53
C HIS A 424 -14.64 -15.42 10.25
N HIS A 425 -15.58 -15.12 11.14
CA HIS A 425 -16.90 -15.70 11.05
C HIS A 425 -17.82 -14.78 10.29
N ASP A 426 -18.64 -13.96 10.97
CA ASP A 426 -19.71 -13.15 10.39
C ASP A 426 -19.60 -12.29 9.10
N TYR A 427 -18.42 -11.81 8.70
CA TYR A 427 -18.29 -11.05 7.44
C TYR A 427 -18.32 -11.99 6.20
N LEU A 428 -17.89 -13.23 6.51
CA LEU A 428 -17.79 -14.37 5.62
C LEU A 428 -19.09 -15.09 5.32
N ILE A 429 -19.95 -15.34 6.32
CA ILE A 429 -21.15 -16.15 6.13
C ILE A 429 -22.05 -15.78 4.95
N PRO A 430 -22.54 -14.55 4.68
CA PRO A 430 -23.38 -14.22 3.53
C PRO A 430 -22.80 -14.51 2.15
N TYR A 431 -21.47 -14.58 2.11
CA TYR A 431 -20.71 -14.76 0.90
C TYR A 431 -20.17 -16.16 0.75
N LEU A 432 -20.46 -17.03 1.71
CA LEU A 432 -19.82 -18.32 1.71
C LEU A 432 -20.46 -19.38 0.83
N ARG A 433 -21.79 -19.29 0.67
CA ARG A 433 -22.53 -20.19 -0.21
C ARG A 433 -21.90 -20.08 -1.58
N LYS A 434 -21.86 -18.78 -1.90
CA LYS A 434 -21.39 -18.17 -3.12
C LYS A 434 -19.93 -18.46 -3.30
N ILE A 435 -19.09 -18.48 -2.26
CA ILE A 435 -17.68 -18.77 -2.44
C ILE A 435 -17.50 -20.25 -2.75
N ASN A 436 -18.21 -21.08 -2.01
CA ASN A 436 -18.12 -22.51 -2.18
C ASN A 436 -18.80 -23.18 -3.36
N ALA A 437 -19.68 -22.45 -4.06
CA ALA A 437 -20.41 -22.94 -5.23
C ALA A 437 -19.60 -23.42 -6.44
N ASN A 438 -18.27 -23.46 -6.39
CA ASN A 438 -17.50 -24.05 -7.46
C ASN A 438 -16.21 -24.67 -6.94
N THR A 439 -15.06 -24.49 -7.61
CA THR A 439 -13.81 -25.14 -7.26
C THR A 439 -13.19 -24.84 -5.88
N THR A 440 -13.81 -24.00 -5.02
CA THR A 440 -13.30 -23.68 -3.70
C THR A 440 -14.26 -24.11 -2.60
N LYS A 441 -13.75 -24.97 -1.69
CA LYS A 441 -14.47 -25.52 -0.55
C LYS A 441 -13.92 -25.01 0.76
N THR A 442 -14.76 -24.31 1.50
CA THR A 442 -14.23 -23.67 2.68
C THR A 442 -15.27 -23.35 3.74
N TYR A 443 -14.73 -22.97 4.92
CA TYR A 443 -15.46 -22.60 6.13
C TYR A 443 -15.25 -21.15 6.51
N ALA A 444 -16.15 -20.69 7.39
CA ALA A 444 -16.07 -19.41 8.03
C ALA A 444 -15.57 -19.73 9.44
N THR A 445 -14.29 -19.47 9.76
CA THR A 445 -13.72 -19.80 11.07
C THR A 445 -14.03 -18.86 12.26
N ARG A 446 -13.38 -19.19 13.41
CA ARG A 446 -13.31 -18.51 14.72
C ARG A 446 -12.12 -19.15 15.46
N THR A 447 -11.16 -18.44 16.08
CA THR A 447 -10.02 -19.09 16.75
C THR A 447 -9.59 -18.47 18.08
N ILE A 448 -9.66 -19.30 19.14
CA ILE A 448 -9.27 -18.92 20.49
C ILE A 448 -7.85 -19.30 20.85
N PHE A 449 -7.29 -18.20 21.35
CA PHE A 449 -5.91 -18.10 21.77
C PHE A 449 -5.78 -17.80 23.24
N PHE A 450 -4.75 -18.41 23.78
CA PHE A 450 -4.47 -18.23 25.19
C PHE A 450 -3.08 -17.66 25.33
N LEU A 451 -3.06 -16.53 26.04
CA LEU A 451 -1.76 -15.94 26.32
C LEU A 451 -1.18 -16.67 27.50
N LYS A 452 -0.25 -17.57 27.15
CA LYS A 452 0.42 -18.32 28.18
C LYS A 452 1.27 -17.38 29.02
N ASN A 453 1.40 -17.83 30.26
CA ASN A 453 2.11 -17.10 31.29
C ASN A 453 3.56 -16.76 30.88
N ASP A 454 4.10 -17.42 29.85
CA ASP A 454 5.45 -17.13 29.35
C ASP A 454 5.56 -15.97 28.37
N GLY A 455 4.44 -15.30 28.10
CA GLY A 455 4.38 -14.20 27.16
C GLY A 455 3.95 -14.59 25.74
N THR A 456 3.96 -15.91 25.39
CA THR A 456 3.55 -16.40 24.07
C THR A 456 2.06 -16.74 24.00
N LEU A 457 1.46 -16.70 22.81
CA LEU A 457 0.09 -17.17 22.66
C LEU A 457 0.08 -18.63 22.18
N THR A 458 -1.08 -19.28 22.28
CA THR A 458 -1.32 -20.64 21.77
C THR A 458 -2.78 -20.81 21.36
N PRO A 459 -3.11 -21.68 20.37
CA PRO A 459 -4.47 -22.01 20.01
C PRO A 459 -5.05 -23.05 20.94
N LEU A 460 -6.28 -22.77 21.39
CA LEU A 460 -7.00 -23.70 22.24
C LEU A 460 -8.17 -24.45 21.60
N ALA A 461 -8.57 -23.97 20.41
CA ALA A 461 -9.66 -24.52 19.63
C ALA A 461 -9.87 -23.73 18.36
N ILE A 462 -10.55 -24.35 17.37
CA ILE A 462 -10.94 -23.76 16.09
C ILE A 462 -12.32 -24.27 15.74
N GLU A 463 -13.35 -23.44 15.71
CA GLU A 463 -14.64 -23.84 15.15
C GLU A 463 -14.61 -23.47 13.65
N LEU A 464 -14.72 -24.49 12.78
CA LEU A 464 -14.85 -24.37 11.32
C LEU A 464 -16.32 -24.24 10.92
N SER A 465 -16.90 -23.12 10.47
CA SER A 465 -18.30 -23.15 10.10
C SER A 465 -18.57 -23.36 8.63
N LYS A 466 -19.34 -24.41 8.35
CA LYS A 466 -19.73 -24.78 7.00
C LYS A 466 -21.20 -24.33 6.78
N PRO A 467 -21.65 -23.91 5.57
CA PRO A 467 -22.93 -23.22 5.27
C PRO A 467 -24.34 -23.68 5.64
N HIS A 468 -24.51 -25.01 5.63
CA HIS A 468 -25.70 -25.81 5.92
C HIS A 468 -26.66 -25.96 4.74
N PRO A 469 -26.71 -27.15 4.14
CA PRO A 469 -27.46 -27.43 2.92
C PRO A 469 -28.97 -27.21 2.85
N GLN A 470 -29.64 -27.07 4.01
CA GLN A 470 -31.08 -26.76 4.04
C GLN A 470 -31.38 -25.27 4.16
N GLY A 471 -30.39 -24.46 3.73
CA GLY A 471 -30.52 -23.02 3.69
C GLY A 471 -29.70 -22.29 4.75
N GLU A 472 -29.55 -21.01 4.44
CA GLU A 472 -28.86 -20.07 5.31
C GLU A 472 -29.51 -19.95 6.69
N GLU A 473 -30.84 -20.15 6.78
CA GLU A 473 -31.61 -20.01 8.00
C GLU A 473 -31.50 -21.08 9.08
N TYR A 474 -31.05 -22.30 8.75
CA TYR A 474 -30.83 -23.33 9.77
C TYR A 474 -29.33 -23.53 9.96
N GLY A 475 -28.49 -22.71 9.30
CA GLY A 475 -27.03 -22.77 9.38
C GLY A 475 -26.50 -22.15 10.67
N PRO A 476 -25.24 -22.42 11.09
CA PRO A 476 -24.22 -23.16 10.36
C PRO A 476 -24.03 -24.64 10.66
N VAL A 477 -23.04 -25.24 10.00
CA VAL A 477 -22.67 -26.61 10.26
C VAL A 477 -21.23 -26.49 10.72
N SER A 478 -21.19 -26.25 12.03
CA SER A 478 -19.90 -26.04 12.68
C SER A 478 -19.22 -27.27 13.25
N GLU A 479 -17.91 -27.28 13.32
CA GLU A 479 -17.16 -28.38 13.92
C GLU A 479 -15.94 -27.86 14.71
N VAL A 480 -15.85 -28.04 16.06
CA VAL A 480 -14.70 -27.56 16.84
C VAL A 480 -13.50 -28.49 16.72
N TYR A 481 -12.28 -27.97 16.85
CA TYR A 481 -11.07 -28.80 16.78
C TYR A 481 -10.12 -28.27 17.84
N VAL A 482 -9.23 -29.12 18.32
CA VAL A 482 -8.32 -28.81 19.42
C VAL A 482 -6.96 -29.42 19.07
N PRO A 483 -5.85 -28.91 19.68
CA PRO A 483 -4.51 -29.41 19.42
C PRO A 483 -4.40 -30.92 19.41
N SER A 484 -3.45 -31.41 18.63
CA SER A 484 -3.20 -32.82 18.52
C SER A 484 -1.78 -33.00 18.10
N SER A 485 -1.26 -34.11 18.59
CA SER A 485 0.12 -34.49 18.39
C SER A 485 0.21 -35.99 18.11
N GLU A 486 -0.96 -36.69 18.02
CA GLU A 486 -0.97 -38.13 17.82
C GLU A 486 -0.79 -38.58 16.36
N GLY A 487 -1.58 -39.54 15.85
CA GLY A 487 -1.46 -40.07 14.51
C GLY A 487 -2.02 -39.14 13.45
N VAL A 488 -3.11 -39.60 12.85
CA VAL A 488 -3.78 -38.86 11.79
C VAL A 488 -4.42 -37.57 12.27
N GLU A 489 -4.82 -37.52 13.55
CA GLU A 489 -5.44 -36.34 14.14
C GLU A 489 -4.49 -35.15 14.18
N ALA A 490 -3.18 -35.41 14.09
CA ALA A 490 -2.17 -34.38 13.98
C ALA A 490 -2.42 -33.57 12.72
N TYR A 491 -2.61 -34.31 11.61
CA TYR A 491 -2.89 -33.70 10.33
C TYR A 491 -4.24 -33.07 10.23
N ILE A 492 -5.22 -33.48 11.01
CA ILE A 492 -6.54 -32.84 11.01
C ILE A 492 -6.44 -31.47 11.72
N TRP A 493 -5.50 -31.32 12.69
CA TRP A 493 -5.31 -30.07 13.41
C TRP A 493 -4.70 -29.10 12.43
N LEU A 494 -3.63 -29.54 11.73
CA LEU A 494 -2.96 -28.83 10.65
C LEU A 494 -3.93 -28.33 9.59
N LEU A 495 -4.87 -29.15 9.11
CA LEU A 495 -5.80 -28.76 8.09
C LEU A 495 -6.78 -27.76 8.66
N ALA A 496 -7.11 -27.88 9.95
CA ALA A 496 -7.98 -26.94 10.68
C ALA A 496 -7.34 -25.55 10.84
N LYS A 497 -6.01 -25.57 11.02
CA LYS A 497 -5.22 -24.38 11.08
C LYS A 497 -5.14 -23.77 9.69
N ALA A 498 -4.82 -24.54 8.63
CA ALA A 498 -4.85 -24.01 7.27
C ALA A 498 -6.20 -23.45 6.88
N TYR A 499 -7.35 -23.99 7.31
CA TYR A 499 -8.63 -23.36 7.00
C TYR A 499 -8.81 -22.05 7.71
N VAL A 500 -7.89 -21.74 8.64
CA VAL A 500 -7.93 -20.44 9.31
C VAL A 500 -6.95 -19.48 8.62
N VAL A 501 -5.76 -19.95 8.23
CA VAL A 501 -4.84 -19.13 7.45
C VAL A 501 -5.50 -18.73 6.13
N VAL A 502 -6.12 -19.65 5.39
CA VAL A 502 -6.92 -19.41 4.18
C VAL A 502 -7.91 -18.26 4.37
N ASN A 503 -8.67 -18.28 5.46
CA ASN A 503 -9.58 -17.22 5.86
C ASN A 503 -8.94 -15.84 6.09
N ASP A 504 -7.73 -15.89 6.66
CA ASP A 504 -6.96 -14.72 7.06
C ASP A 504 -6.15 -14.08 5.94
N ALA A 505 -5.48 -14.88 5.09
CA ALA A 505 -4.68 -14.41 3.97
C ALA A 505 -5.41 -13.52 2.96
N CYS A 506 -6.69 -13.82 2.80
CA CYS A 506 -7.56 -13.05 1.97
C CYS A 506 -8.17 -11.92 2.78
N TYR A 507 -8.28 -12.00 4.13
CA TYR A 507 -8.68 -10.83 4.92
C TYR A 507 -7.49 -9.86 4.86
N HIS A 508 -6.28 -10.41 4.83
CA HIS A 508 -5.07 -9.62 4.70
C HIS A 508 -5.07 -8.88 3.39
N GLN A 509 -4.73 -9.57 2.30
CA GLN A 509 -4.62 -9.05 0.94
C GLN A 509 -5.61 -8.00 0.56
N ILE A 510 -6.84 -8.25 0.98
CA ILE A 510 -7.95 -7.38 0.67
C ILE A 510 -8.24 -6.30 1.66
N ILE A 511 -8.37 -6.64 2.94
CA ILE A 511 -8.72 -5.63 3.91
C ILE A 511 -7.54 -4.95 4.59
N SER A 512 -6.66 -5.74 5.20
CA SER A 512 -5.59 -5.13 5.93
C SER A 512 -4.65 -4.35 5.04
N HIS A 513 -4.55 -4.84 3.79
CA HIS A 513 -3.69 -4.31 2.75
C HIS A 513 -4.37 -3.47 1.68
N TRP A 514 -5.12 -4.03 0.69
CA TRP A 514 -5.76 -3.20 -0.33
C TRP A 514 -6.70 -2.20 0.32
N LEU A 515 -7.78 -2.54 1.05
CA LEU A 515 -8.65 -1.47 1.50
C LEU A 515 -8.01 -0.49 2.46
N ASN A 516 -7.48 -0.94 3.61
CA ASN A 516 -7.02 -0.08 4.68
C ASN A 516 -5.83 0.81 4.39
N THR A 517 -5.00 0.45 3.39
CA THR A 517 -3.94 1.35 3.02
C THR A 517 -4.16 1.79 1.59
N HIS A 518 -3.75 1.04 0.56
CA HIS A 518 -3.98 1.41 -0.84
C HIS A 518 -5.29 2.08 -1.19
N ALA A 519 -6.45 1.48 -0.99
CA ALA A 519 -7.70 2.10 -1.39
C ALA A 519 -8.13 3.37 -0.68
N VAL A 520 -7.92 3.52 0.63
CA VAL A 520 -8.32 4.71 1.40
C VAL A 520 -7.37 5.90 1.33
N VAL A 521 -6.12 5.72 0.84
CA VAL A 521 -5.18 6.82 0.67
C VAL A 521 -5.38 7.66 -0.61
N GLU A 522 -5.92 7.03 -1.67
CA GLU A 522 -6.21 7.65 -2.97
C GLU A 522 -6.96 8.97 -2.78
N PRO A 523 -8.11 9.12 -2.09
CA PRO A 523 -8.84 10.37 -1.94
C PRO A 523 -8.05 11.48 -1.29
N PHE A 524 -7.03 11.09 -0.51
CA PHE A 524 -6.14 12.00 0.16
C PHE A 524 -5.21 12.55 -0.90
N VAL A 525 -4.59 11.71 -1.72
CA VAL A 525 -3.72 12.22 -2.76
C VAL A 525 -4.50 13.14 -3.66
N ILE A 526 -5.74 12.82 -3.98
CA ILE A 526 -6.52 13.60 -4.92
C ILE A 526 -7.00 14.89 -4.28
N ALA A 527 -7.52 14.86 -3.04
CA ALA A 527 -7.99 16.07 -2.35
C ALA A 527 -6.95 17.13 -1.99
N THR A 528 -5.69 16.72 -1.82
CA THR A 528 -4.55 17.54 -1.45
C THR A 528 -4.14 18.26 -2.72
N ASN A 529 -3.96 17.56 -3.85
CA ASN A 529 -3.60 18.25 -5.07
C ASN A 529 -4.66 19.19 -5.62
N ARG A 530 -5.94 18.92 -5.44
CA ARG A 530 -7.00 19.81 -5.90
C ARG A 530 -7.30 21.03 -5.05
N HIS A 531 -7.19 20.97 -3.73
CA HIS A 531 -7.45 22.10 -2.84
C HIS A 531 -6.29 22.68 -2.05
N LEU A 532 -5.09 22.10 -2.11
CA LEU A 532 -3.93 22.58 -1.37
C LEU A 532 -2.77 22.79 -2.33
N SER A 533 -2.50 24.09 -2.52
CA SER A 533 -1.49 24.56 -3.44
C SER A 533 -0.13 23.98 -3.16
N VAL A 534 0.64 23.78 -4.22
CA VAL A 534 1.96 23.19 -4.16
C VAL A 534 2.93 23.98 -3.28
N VAL A 535 2.45 25.17 -2.91
CA VAL A 535 3.20 26.09 -2.09
C VAL A 535 2.72 26.08 -0.63
N HIS A 536 1.64 25.33 -0.28
CA HIS A 536 1.04 25.24 1.04
C HIS A 536 1.84 24.41 2.03
N PRO A 537 1.96 24.86 3.33
CA PRO A 537 2.53 24.15 4.45
C PRO A 537 2.11 22.70 4.51
N ILE A 538 0.78 22.49 4.62
CA ILE A 538 0.20 21.16 4.66
C ILE A 538 0.28 20.35 3.36
N TYR A 539 0.24 20.92 2.14
CA TYR A 539 0.52 20.16 0.93
C TYR A 539 1.89 19.54 1.06
N LYS A 540 2.90 20.31 1.48
CA LYS A 540 4.25 19.78 1.52
C LYS A 540 4.51 18.80 2.67
N LEU A 541 3.66 18.80 3.71
CA LEU A 541 3.74 17.90 4.89
C LEU A 541 3.43 16.47 4.43
N LEU A 542 2.23 16.37 3.84
CA LEU A 542 1.63 15.18 3.29
C LEU A 542 2.28 14.66 2.04
N PHE A 543 2.52 15.52 1.06
CA PHE A 543 3.12 15.18 -0.19
C PHE A 543 4.06 13.98 -0.25
N PRO A 544 5.16 13.71 0.50
CA PRO A 544 6.06 12.57 0.26
C PRO A 544 5.47 11.22 0.64
N HIS A 545 4.30 11.30 1.28
CA HIS A 545 3.53 10.16 1.72
C HIS A 545 2.53 9.67 0.66
N TYR A 546 2.65 10.23 -0.55
CA TYR A 546 1.81 9.89 -1.68
C TYR A 546 2.61 9.29 -2.84
N ARG A 547 3.91 9.12 -2.65
CA ARG A 547 4.81 8.68 -3.70
C ARG A 547 4.52 7.32 -4.35
N ASP A 548 4.06 7.33 -5.64
CA ASP A 548 3.62 6.17 -6.44
C ASP A 548 2.31 5.47 -6.04
N THR A 549 1.53 6.05 -5.13
CA THR A 549 0.33 5.42 -4.65
C THR A 549 -0.64 5.43 -5.80
N MET A 550 -0.79 6.57 -6.51
CA MET A 550 -1.74 6.60 -7.60
C MET A 550 -1.37 5.73 -8.77
N ASN A 551 -0.07 5.48 -8.94
CA ASN A 551 0.44 4.63 -9.98
C ASN A 551 0.25 3.14 -9.69
N ILE A 552 0.52 2.68 -8.46
CA ILE A 552 0.35 1.28 -8.10
C ILE A 552 -1.14 0.98 -7.96
N ASN A 553 -2.00 1.93 -7.65
CA ASN A 553 -3.42 1.67 -7.58
C ASN A 553 -4.03 1.62 -8.98
N SER A 554 -3.54 2.41 -9.96
CA SER A 554 -4.08 2.34 -11.30
C SER A 554 -3.70 1.00 -11.89
N LEU A 555 -2.50 0.48 -11.65
CA LEU A 555 -2.13 -0.83 -12.16
C LEU A 555 -2.75 -1.91 -11.32
N ALA A 556 -3.16 -1.63 -10.08
CA ALA A 556 -3.85 -2.64 -9.33
C ALA A 556 -5.24 -2.76 -9.94
N ARG A 557 -5.88 -1.62 -10.26
CA ARG A 557 -7.22 -1.61 -10.88
C ARG A 557 -7.31 -2.30 -12.25
N LYS A 558 -6.17 -2.41 -12.92
CA LYS A 558 -6.03 -3.00 -14.24
C LYS A 558 -5.51 -4.42 -14.17
N SER A 559 -4.66 -4.81 -13.22
CA SER A 559 -4.10 -6.15 -13.24
C SER A 559 -4.14 -6.98 -11.99
N LEU A 560 -4.76 -6.50 -10.91
CA LEU A 560 -4.76 -7.24 -9.67
C LEU A 560 -6.13 -7.29 -9.05
N VAL A 561 -6.91 -6.20 -9.00
CA VAL A 561 -8.25 -6.29 -8.43
C VAL A 561 -9.37 -6.19 -9.47
N ASN A 562 -9.08 -6.71 -10.67
CA ASN A 562 -10.01 -6.77 -11.80
C ASN A 562 -10.72 -8.12 -12.00
N ALA A 563 -11.86 -8.17 -12.72
CA ALA A 563 -12.56 -9.40 -13.02
C ALA A 563 -11.64 -10.32 -13.78
N ASP A 564 -11.14 -11.27 -12.97
CA ASP A 564 -10.22 -12.37 -13.24
C ASP A 564 -8.76 -12.09 -13.00
N GLY A 565 -8.52 -11.13 -12.12
CA GLY A 565 -7.16 -10.72 -11.82
C GLY A 565 -6.50 -11.65 -10.87
N ILE A 566 -5.24 -11.37 -10.57
CA ILE A 566 -4.50 -12.21 -9.64
C ILE A 566 -5.21 -12.33 -8.29
N ILE A 567 -5.85 -11.31 -7.71
CA ILE A 567 -6.45 -11.47 -6.40
C ILE A 567 -7.64 -12.41 -6.44
N GLU A 568 -8.49 -12.41 -7.47
CA GLU A 568 -9.63 -13.32 -7.43
C GLU A 568 -9.31 -14.80 -7.63
N LYS A 569 -8.43 -15.06 -8.59
CA LYS A 569 -7.97 -16.39 -8.91
C LYS A 569 -6.97 -16.99 -7.93
N THR A 570 -6.25 -16.22 -7.10
CA THR A 570 -5.26 -16.78 -6.16
C THR A 570 -5.73 -16.85 -4.71
N PHE A 571 -6.71 -16.00 -4.35
CA PHE A 571 -7.15 -15.90 -2.96
C PHE A 571 -8.60 -16.30 -2.85
N LEU A 572 -8.96 -16.79 -1.66
CA LEU A 572 -10.22 -17.40 -1.27
C LEU A 572 -11.59 -16.80 -1.57
N TRP A 573 -11.85 -15.49 -1.40
CA TRP A 573 -13.21 -14.99 -1.60
C TRP A 573 -13.58 -14.83 -3.06
N GLY A 574 -12.62 -15.09 -3.95
CA GLY A 574 -12.68 -15.03 -5.40
C GLY A 574 -13.27 -13.79 -6.03
N ARG A 575 -14.35 -14.03 -6.79
CA ARG A 575 -15.11 -13.03 -7.54
C ARG A 575 -15.78 -12.03 -6.60
N TYR A 576 -15.93 -12.42 -5.35
CA TYR A 576 -16.63 -11.65 -4.34
C TYR A 576 -15.75 -10.80 -3.45
N SER A 577 -14.42 -11.01 -3.57
CA SER A 577 -13.41 -10.29 -2.82
C SER A 577 -13.68 -8.81 -2.68
N LEU A 578 -13.66 -8.09 -3.81
CA LEU A 578 -13.76 -6.65 -3.72
C LEU A 578 -15.12 -6.10 -3.40
N GLU A 579 -16.12 -6.90 -3.72
CA GLU A 579 -17.48 -6.57 -3.30
C GLU A 579 -17.50 -6.67 -1.78
N MET A 580 -16.75 -7.62 -1.19
CA MET A 580 -16.65 -7.73 0.26
C MET A 580 -15.90 -6.61 0.93
N SER A 581 -14.82 -6.04 0.33
CA SER A 581 -14.16 -4.86 0.84
C SER A 581 -15.14 -3.71 1.05
N ALA A 582 -16.06 -3.49 0.09
CA ALA A 582 -17.05 -2.42 0.19
C ALA A 582 -17.89 -2.55 1.44
N VAL A 583 -18.43 -3.77 1.77
CA VAL A 583 -19.19 -3.98 3.00
C VAL A 583 -18.36 -3.93 4.29
N ILE A 584 -17.11 -4.41 4.26
CA ILE A 584 -16.23 -4.29 5.40
C ILE A 584 -15.90 -2.81 5.59
N TYR A 585 -15.86 -2.04 4.48
CA TYR A 585 -15.62 -0.61 4.50
C TYR A 585 -16.80 0.10 5.11
N LYS A 586 -18.01 -0.49 5.13
CA LYS A 586 -19.15 0.16 5.79
C LYS A 586 -18.88 0.37 7.26
N ASP A 587 -17.88 -0.38 7.75
CA ASP A 587 -17.41 -0.34 9.12
C ASP A 587 -16.03 0.31 9.30
N TRP A 588 -15.36 0.77 8.22
CA TRP A 588 -14.08 1.42 8.31
C TRP A 588 -14.30 2.79 8.95
N VAL A 589 -13.57 3.03 10.04
CA VAL A 589 -13.58 4.32 10.74
C VAL A 589 -12.16 4.83 10.63
N PHE A 590 -11.98 6.08 10.17
CA PHE A 590 -10.65 6.65 9.98
C PHE A 590 -9.94 6.86 11.31
N THR A 591 -10.67 7.34 12.35
CA THR A 591 -10.16 7.59 13.68
C THR A 591 -9.42 6.36 14.18
N ASP A 592 -10.03 5.17 14.15
CA ASP A 592 -9.47 3.89 14.59
C ASP A 592 -8.30 3.28 13.83
N GLN A 593 -7.71 4.07 12.94
CA GLN A 593 -6.60 3.56 12.15
C GLN A 593 -5.29 3.97 12.78
N ALA A 594 -5.45 5.09 13.52
CA ALA A 594 -4.43 5.68 14.39
C ALA A 594 -4.05 4.58 15.32
N LEU A 595 -2.77 4.23 15.47
CA LEU A 595 -2.44 3.03 16.25
C LEU A 595 -2.84 2.92 17.73
N PRO A 596 -2.84 3.94 18.57
CA PRO A 596 -3.49 3.93 19.87
C PRO A 596 -4.96 3.50 19.83
N ASN A 597 -5.73 4.15 18.95
CA ASN A 597 -7.14 3.87 18.79
C ASN A 597 -7.39 2.45 18.41
N ASP A 598 -6.61 1.93 17.45
CA ASP A 598 -6.67 0.55 16.99
C ASP A 598 -6.59 -0.46 18.15
N LEU A 599 -5.43 -0.46 18.85
CA LEU A 599 -5.08 -1.29 19.99
C LEU A 599 -6.15 -1.21 21.08
N VAL A 600 -6.52 0.01 21.43
CA VAL A 600 -7.58 0.23 22.37
C VAL A 600 -8.93 -0.33 21.89
N LYS A 601 -9.26 -0.36 20.57
CA LYS A 601 -10.54 -0.91 20.10
C LYS A 601 -10.58 -2.42 20.09
N ARG A 602 -9.47 -3.08 19.69
CA ARG A 602 -9.36 -4.54 19.66
C ARG A 602 -9.23 -5.13 21.05
N GLY A 603 -8.81 -4.27 21.97
CA GLY A 603 -8.68 -4.63 23.36
C GLY A 603 -7.33 -5.22 23.66
N VAL A 604 -6.36 -5.13 22.75
CA VAL A 604 -5.04 -5.66 23.10
C VAL A 604 -4.19 -4.65 23.88
N ALA A 605 -4.82 -3.55 24.31
CA ALA A 605 -4.20 -2.50 25.10
C ALA A 605 -5.26 -1.60 25.74
N VAL A 606 -4.79 -0.84 26.72
CA VAL A 606 -5.61 0.13 27.42
C VAL A 606 -4.78 1.39 27.66
N LYS A 607 -5.53 2.50 27.66
CA LYS A 607 -5.02 3.84 27.86
C LYS A 607 -4.63 3.95 29.30
N ASP A 608 -3.31 3.92 29.47
CA ASP A 608 -2.70 4.00 30.78
C ASP A 608 -1.67 5.10 30.66
N PRO A 609 -1.97 6.32 31.13
CA PRO A 609 -1.15 7.52 30.91
C PRO A 609 0.12 7.46 31.71
N SER A 610 0.14 6.53 32.68
CA SER A 610 1.32 6.20 33.44
C SER A 610 2.29 5.46 32.50
N ALA A 611 1.73 4.74 31.50
CA ALA A 611 2.47 3.90 30.53
C ALA A 611 3.00 4.59 29.24
N PRO A 612 4.05 4.05 28.55
CA PRO A 612 5.03 4.81 27.77
C PRO A 612 4.58 5.70 26.61
N HIS A 613 3.53 5.21 25.97
CA HIS A 613 2.98 5.97 24.87
C HIS A 613 1.62 6.50 25.25
N GLY A 614 1.26 6.19 26.49
CA GLY A 614 -0.07 6.51 27.00
C GLY A 614 -0.98 5.30 26.88
N VAL A 615 -0.40 4.13 26.59
CA VAL A 615 -1.18 2.91 26.45
C VAL A 615 -0.37 1.75 27.01
N ARG A 616 -1.08 0.95 27.81
CA ARG A 616 -0.55 -0.30 28.31
C ARG A 616 -1.16 -1.42 27.47
N LEU A 617 -0.28 -2.23 26.87
CA LEU A 617 -0.57 -3.38 26.03
C LEU A 617 -0.95 -4.61 26.84
N LEU A 618 -2.15 -5.21 26.71
CA LEU A 618 -2.43 -6.44 27.44
C LEU A 618 -1.61 -7.60 26.89
N ILE A 619 -1.31 -7.75 25.59
CA ILE A 619 -0.38 -8.81 25.17
C ILE A 619 0.90 -7.99 25.15
N GLU A 620 1.69 -8.14 26.20
CA GLU A 620 2.84 -7.27 26.40
C GLU A 620 4.04 -7.44 25.48
N ASP A 621 4.26 -8.63 24.90
CA ASP A 621 5.32 -8.81 23.90
C ASP A 621 4.68 -8.93 22.51
N TYR A 622 3.77 -8.01 22.19
CA TYR A 622 3.13 -7.93 20.89
C TYR A 622 4.01 -7.07 19.98
N PRO A 623 4.95 -7.65 19.22
CA PRO A 623 6.00 -6.97 18.47
C PRO A 623 5.57 -5.88 17.50
N TYR A 624 4.39 -6.05 16.87
CA TYR A 624 3.86 -5.12 15.90
C TYR A 624 3.46 -3.89 16.69
N ALA A 625 2.60 -4.02 17.72
CA ALA A 625 2.15 -2.90 18.52
C ALA A 625 3.21 -2.27 19.41
N SER A 626 4.27 -3.01 19.74
CA SER A 626 5.34 -2.51 20.58
C SER A 626 6.25 -1.59 19.77
N ASP A 627 6.79 -2.06 18.65
CA ASP A 627 7.58 -1.25 17.70
C ASP A 627 6.71 -0.19 17.01
N GLY A 628 5.44 -0.52 16.85
CA GLY A 628 4.46 0.32 16.19
C GLY A 628 4.30 1.59 16.96
N LEU A 629 3.94 1.49 18.24
CA LEU A 629 3.79 2.64 19.11
C LEU A 629 5.03 3.55 19.06
N GLU A 630 6.26 2.98 19.05
CA GLU A 630 7.51 3.72 18.91
C GLU A 630 7.55 4.57 17.63
N ILE A 631 7.08 4.00 16.50
CA ILE A 631 7.03 4.69 15.21
C ILE A 631 5.83 5.63 15.13
N TRP A 632 4.71 5.35 15.79
CA TRP A 632 3.55 6.21 15.76
C TRP A 632 3.82 7.57 16.35
N ASP A 633 4.41 7.59 17.55
CA ASP A 633 4.71 8.85 18.19
C ASP A 633 5.85 9.56 17.51
N ALA A 634 6.76 8.84 16.85
CA ALA A 634 7.80 9.47 16.06
C ALA A 634 7.16 10.23 14.88
N ILE A 635 6.10 9.71 14.25
CA ILE A 635 5.38 10.42 13.20
C ILE A 635 4.63 11.52 13.90
N LYS A 636 3.76 11.23 14.86
CA LYS A 636 2.90 12.23 15.45
C LYS A 636 3.60 13.43 16.05
N SER A 637 4.79 13.34 16.68
CA SER A 637 5.52 14.51 17.21
C SER A 637 5.95 15.49 16.08
N TRP A 638 6.67 15.01 15.05
CA TRP A 638 6.99 15.76 13.85
C TRP A 638 5.81 16.47 13.19
N VAL A 639 4.67 15.84 12.94
CA VAL A 639 3.60 16.56 12.30
C VAL A 639 3.09 17.59 13.30
N GLU A 640 3.22 17.39 14.61
CA GLU A 640 2.75 18.40 15.54
C GLU A 640 3.68 19.61 15.60
N GLU A 641 5.00 19.37 15.51
CA GLU A 641 6.03 20.40 15.48
C GLU A 641 5.82 21.26 14.25
N TYR A 642 5.85 20.58 13.09
CA TYR A 642 5.58 21.14 11.77
C TYR A 642 4.38 22.05 11.74
N VAL A 643 3.18 21.51 11.95
CA VAL A 643 1.93 22.27 12.05
C VAL A 643 2.05 23.48 12.97
N SER A 644 2.99 23.48 13.92
CA SER A 644 3.00 24.59 14.86
C SER A 644 3.72 25.80 14.32
N PHE A 645 4.68 25.51 13.45
CA PHE A 645 5.34 26.54 12.71
C PHE A 645 4.38 27.34 11.87
N TYR A 646 3.23 26.78 11.49
CA TYR A 646 2.37 27.47 10.57
C TYR A 646 1.04 27.94 11.12
N TYR A 647 0.64 27.41 12.25
CA TYR A 647 -0.63 27.80 12.82
C TYR A 647 -0.41 28.00 14.31
N LYS A 648 -0.45 29.28 14.65
CA LYS A 648 -0.26 29.78 16.00
C LYS A 648 -1.62 29.77 16.68
N SER A 649 -2.68 29.35 15.98
CA SER A 649 -4.02 29.40 16.51
C SER A 649 -4.99 28.53 15.75
N ASP A 650 -6.02 28.08 16.47
CA ASP A 650 -7.09 27.33 15.88
C ASP A 650 -7.92 28.22 14.99
N GLU A 651 -8.10 29.45 15.47
CA GLU A 651 -8.84 30.44 14.73
C GLU A 651 -8.11 30.91 13.52
N GLU A 652 -6.84 30.57 13.26
CA GLU A 652 -6.25 30.92 11.98
C GLU A 652 -6.13 29.72 11.03
N LEU A 653 -6.25 28.51 11.60
CA LEU A 653 -6.35 27.23 10.91
C LEU A 653 -7.75 27.16 10.29
N GLN A 654 -8.72 27.76 10.97
CA GLN A 654 -10.07 27.96 10.47
C GLN A 654 -10.08 29.01 9.36
N LYS A 655 -9.21 30.01 9.51
CA LYS A 655 -9.07 31.10 8.58
C LYS A 655 -8.41 30.70 7.25
N ASP A 656 -8.06 29.41 7.06
CA ASP A 656 -7.39 28.99 5.85
C ASP A 656 -8.38 28.38 4.87
N PRO A 657 -8.66 29.00 3.74
CA PRO A 657 -9.66 28.56 2.76
C PRO A 657 -9.29 27.27 2.01
N GLU A 658 -8.01 27.06 1.71
CA GLU A 658 -7.54 25.86 1.01
C GLU A 658 -7.66 24.58 1.84
N LEU A 659 -7.27 24.69 3.10
CA LEU A 659 -7.25 23.62 4.07
C LEU A 659 -8.67 23.21 4.39
N GLN A 660 -9.54 24.18 4.61
CA GLN A 660 -10.95 23.88 4.86
C GLN A 660 -11.63 23.33 3.61
N ALA A 661 -11.11 23.60 2.41
CA ALA A 661 -11.68 23.02 1.20
C ALA A 661 -11.06 21.65 0.96
N TRP A 662 -9.84 21.42 1.46
CA TRP A 662 -9.21 20.12 1.42
C TRP A 662 -9.98 19.12 2.24
N TRP A 663 -10.23 19.44 3.51
CA TRP A 663 -10.92 18.46 4.31
C TRP A 663 -12.36 18.37 3.89
N LYS A 664 -12.97 19.44 3.39
CA LYS A 664 -14.37 19.39 2.98
C LYS A 664 -14.64 18.45 1.81
N GLU A 665 -13.79 18.49 0.79
CA GLU A 665 -13.99 17.61 -0.33
C GLU A 665 -13.52 16.21 0.05
N LEU A 666 -12.49 16.10 0.91
CA LEU A 666 -12.02 14.78 1.30
C LEU A 666 -13.10 13.94 1.93
N VAL A 667 -13.70 14.50 2.98
CA VAL A 667 -14.71 13.76 3.70
C VAL A 667 -16.04 13.69 2.96
N GLU A 668 -16.27 14.60 2.01
CA GLU A 668 -17.56 14.65 1.36
C GLU A 668 -17.65 14.00 0.03
N VAL A 669 -16.53 13.95 -0.69
CA VAL A 669 -16.53 13.32 -1.98
C VAL A 669 -15.60 12.14 -1.89
N GLY A 670 -14.37 12.39 -1.45
CA GLY A 670 -13.28 11.42 -1.45
C GLY A 670 -13.62 10.09 -0.83
N HIS A 671 -14.24 10.24 0.35
CA HIS A 671 -14.76 9.20 1.25
C HIS A 671 -16.19 9.58 1.57
N GLY A 672 -16.87 10.14 0.57
CA GLY A 672 -18.25 10.64 0.67
C GLY A 672 -19.32 9.62 1.03
N ASP A 673 -19.02 8.32 0.91
CA ASP A 673 -19.95 7.27 1.29
C ASP A 673 -20.10 7.12 2.79
N LEU A 674 -19.23 7.81 3.53
CA LEU A 674 -19.17 7.85 4.97
C LEU A 674 -19.16 9.30 5.41
N LYS A 675 -19.58 10.22 4.53
CA LYS A 675 -19.48 11.65 4.81
C LYS A 675 -20.31 12.18 5.95
N ASP A 676 -21.31 11.42 6.37
CA ASP A 676 -22.08 11.87 7.50
C ASP A 676 -21.83 11.11 8.79
N LYS A 677 -20.74 10.36 8.78
CA LYS A 677 -20.30 9.60 9.94
C LYS A 677 -19.78 10.55 11.02
N PRO A 678 -19.97 10.23 12.30
CA PRO A 678 -19.78 11.14 13.42
C PRO A 678 -18.35 11.38 13.91
N TRP A 679 -17.43 10.51 13.49
CA TRP A 679 -16.03 10.48 13.89
C TRP A 679 -15.08 11.35 13.12
N TRP A 680 -15.50 11.84 11.94
CA TRP A 680 -14.68 12.74 11.14
C TRP A 680 -14.30 14.00 11.90
N GLN A 681 -12.98 14.25 11.91
CA GLN A 681 -12.40 15.48 12.45
C GLN A 681 -13.01 16.62 11.66
N LYS A 682 -13.46 17.71 12.27
CA LYS A 682 -14.06 18.76 11.48
C LYS A 682 -13.09 19.91 11.14
N MET A 683 -11.77 19.72 11.38
CA MET A 683 -10.71 20.66 11.11
C MET A 683 -10.89 22.11 11.58
N GLN A 684 -11.53 22.24 12.72
CA GLN A 684 -11.66 23.50 13.40
C GLN A 684 -10.52 23.70 14.38
N THR A 685 -9.64 22.72 14.44
CA THR A 685 -8.65 22.64 15.49
C THR A 685 -7.33 22.11 15.00
N ARG A 686 -6.29 22.71 15.59
CA ARG A 686 -4.91 22.36 15.34
C ARG A 686 -4.61 20.95 15.74
N GLU A 687 -5.23 20.39 16.80
CA GLU A 687 -4.99 19.01 17.15
C GLU A 687 -5.80 18.11 16.22
N GLU A 688 -6.93 18.61 15.67
CA GLU A 688 -7.67 17.89 14.67
C GLU A 688 -6.77 17.80 13.47
N LEU A 689 -6.08 18.87 13.08
CA LEU A 689 -5.18 18.77 11.95
C LEU A 689 -4.06 17.80 12.25
N VAL A 690 -3.54 17.77 13.47
CA VAL A 690 -2.39 16.94 13.81
C VAL A 690 -2.75 15.47 13.81
N GLU A 691 -3.93 15.04 14.31
CA GLU A 691 -4.20 13.61 14.27
C GLU A 691 -4.59 13.19 12.88
N ALA A 692 -5.34 14.04 12.14
CA ALA A 692 -5.74 13.71 10.78
C ALA A 692 -4.50 13.47 9.94
N SER A 693 -3.46 14.30 10.15
CA SER A 693 -2.24 14.21 9.38
C SER A 693 -1.39 13.00 9.71
N ALA A 694 -1.30 12.70 11.02
CA ALA A 694 -0.51 11.60 11.55
C ALA A 694 -1.10 10.22 11.30
N THR A 695 -2.43 10.13 11.37
CA THR A 695 -3.15 8.90 11.02
C THR A 695 -2.77 8.58 9.55
N LEU A 696 -2.91 9.57 8.62
CA LEU A 696 -2.67 9.42 7.20
C LEU A 696 -1.30 8.94 6.88
N ILE A 697 -0.32 9.66 7.41
CA ILE A 697 1.08 9.29 7.24
C ILE A 697 1.30 7.88 7.82
N TRP A 698 0.71 7.52 8.98
CA TRP A 698 0.82 6.18 9.60
C TRP A 698 0.38 5.16 8.58
N ILE A 699 -0.83 5.34 8.03
CA ILE A 699 -1.40 4.42 7.05
C ILE A 699 -0.48 4.30 5.86
N ALA A 700 -0.16 5.40 5.18
CA ALA A 700 0.78 5.38 4.07
C ALA A 700 2.12 4.76 4.34
N SER A 701 2.74 5.06 5.49
CA SER A 701 4.10 4.60 5.78
C SER A 701 4.28 3.31 6.53
N ALA A 702 3.94 3.35 7.82
CA ALA A 702 4.19 2.23 8.71
C ALA A 702 3.19 1.09 8.74
N LEU A 703 1.89 1.38 8.67
CA LEU A 703 0.87 0.36 8.62
C LEU A 703 1.08 -0.46 7.38
N HIS A 704 1.09 0.20 6.21
CA HIS A 704 1.28 -0.46 4.93
C HIS A 704 2.56 -1.29 4.97
N ALA A 705 3.64 -0.79 5.60
CA ALA A 705 4.89 -1.53 5.59
C ALA A 705 4.79 -2.80 6.43
N ALA A 706 4.11 -2.64 7.57
CA ALA A 706 3.83 -3.72 8.49
C ALA A 706 3.03 -4.85 7.85
N VAL A 707 1.99 -4.52 7.06
CA VAL A 707 1.18 -5.56 6.43
C VAL A 707 1.72 -5.98 5.06
N ASN A 708 2.68 -5.24 4.45
CA ASN A 708 3.20 -5.57 3.12
C ASN A 708 4.61 -6.13 3.03
N PHE A 709 5.60 -5.73 3.83
CA PHE A 709 6.95 -6.18 3.54
C PHE A 709 7.40 -7.54 4.00
N GLY A 710 6.40 -8.13 4.70
CA GLY A 710 6.47 -9.46 5.28
C GLY A 710 5.48 -10.41 4.63
N GLN A 711 5.27 -10.23 3.30
CA GLN A 711 4.38 -11.02 2.45
C GLN A 711 5.18 -12.15 1.88
N TYR A 712 6.26 -11.96 1.12
CA TYR A 712 7.06 -13.12 0.74
C TYR A 712 7.87 -13.76 1.90
N PRO A 713 8.34 -13.12 2.98
CA PRO A 713 9.02 -13.80 4.08
C PRO A 713 8.16 -14.79 4.86
N TYR A 714 6.91 -14.44 5.10
CA TYR A 714 5.95 -15.30 5.77
C TYR A 714 5.13 -16.16 4.80
N GLY A 715 4.41 -15.59 3.83
CA GLY A 715 3.51 -16.29 2.91
C GLY A 715 4.09 -16.80 1.59
N GLY A 716 5.42 -16.81 1.54
CA GLY A 716 6.16 -17.28 0.39
C GLY A 716 6.29 -18.79 0.41
N LEU A 717 5.55 -19.44 1.30
CA LEU A 717 5.44 -20.88 1.46
C LEU A 717 3.96 -21.02 1.78
N ILE A 718 3.28 -21.57 0.78
CA ILE A 718 1.84 -21.79 0.83
C ILE A 718 1.37 -22.71 1.96
N LEU A 719 2.31 -23.53 2.42
CA LEU A 719 2.14 -24.42 3.57
C LEU A 719 1.91 -23.53 4.78
N ASN A 720 2.81 -22.53 4.92
CA ASN A 720 2.67 -21.59 6.02
C ASN A 720 1.53 -20.63 5.73
N ARG A 721 1.35 -20.09 4.52
CA ARG A 721 0.22 -19.18 4.33
C ARG A 721 -0.61 -19.53 3.09
N PRO A 722 -1.54 -20.50 3.22
CA PRO A 722 -2.41 -20.94 2.15
C PRO A 722 -3.53 -19.95 1.94
N THR A 723 -3.77 -19.78 0.63
CA THR A 723 -4.68 -18.80 0.07
C THR A 723 -6.05 -19.31 -0.35
N ILE A 724 -6.09 -20.56 -0.86
CA ILE A 724 -7.33 -21.23 -1.24
C ILE A 724 -7.40 -22.62 -0.61
N SER A 725 -8.62 -23.07 -0.25
CA SER A 725 -8.93 -24.45 0.19
C SER A 725 -9.94 -25.09 -0.77
N ARG A 726 -9.55 -26.22 -1.33
CA ARG A 726 -10.26 -26.93 -2.38
C ARG A 726 -11.14 -28.09 -1.93
N ARG A 727 -10.79 -28.74 -0.81
CA ARG A 727 -11.55 -29.82 -0.21
C ARG A 727 -11.94 -29.35 1.17
N PHE A 728 -12.97 -30.00 1.75
CA PHE A 728 -13.30 -29.81 3.16
C PHE A 728 -12.54 -30.82 4.04
N MET A 729 -12.89 -30.87 5.33
CA MET A 729 -12.23 -31.73 6.31
C MET A 729 -12.66 -33.19 6.16
N PRO A 730 -11.70 -34.15 6.14
CA PRO A 730 -11.91 -35.59 6.39
C PRO A 730 -12.61 -35.90 7.72
N GLU A 731 -13.71 -36.67 7.68
CA GLU A 731 -14.50 -36.81 8.88
C GLU A 731 -14.12 -37.88 9.91
N LYS A 732 -14.47 -39.16 9.70
CA LYS A 732 -14.27 -40.19 10.69
C LYS A 732 -14.16 -41.54 10.04
N GLY A 733 -12.91 -41.96 9.83
CA GLY A 733 -12.61 -43.22 9.14
C GLY A 733 -13.14 -43.19 7.72
N SER A 734 -13.05 -42.00 7.11
CA SER A 734 -13.45 -41.66 5.74
C SER A 734 -12.39 -42.21 4.80
N PRO A 735 -12.63 -42.48 3.51
CA PRO A 735 -11.58 -42.75 2.51
C PRO A 735 -10.60 -41.62 2.31
N GLU A 736 -11.10 -40.42 2.65
CA GLU A 736 -10.34 -39.18 2.65
C GLU A 736 -9.48 -39.30 3.89
N TYR A 737 -10.14 -39.54 5.02
CA TYR A 737 -9.51 -39.71 6.33
C TYR A 737 -8.48 -40.82 6.34
N ASP A 738 -8.71 -41.95 5.68
CA ASP A 738 -7.69 -43.00 5.63
C ASP A 738 -6.60 -42.72 4.60
N ALA A 739 -6.89 -41.82 3.64
CA ALA A 739 -5.90 -41.42 2.63
C ALA A 739 -4.89 -40.44 3.23
N LEU A 740 -5.44 -39.61 4.12
CA LEU A 740 -4.69 -38.66 4.95
C LEU A 740 -3.85 -39.50 5.91
N ALA A 741 -4.44 -40.55 6.51
CA ALA A 741 -3.71 -41.44 7.38
C ALA A 741 -2.59 -42.14 6.64
N LYS A 742 -2.85 -42.60 5.42
CA LYS A 742 -1.87 -43.26 4.57
C LYS A 742 -0.72 -42.30 4.30
N ASN A 743 -0.86 -41.29 3.40
CA ASN A 743 0.12 -40.21 3.30
C ASN A 743 -0.58 -38.85 3.40
N PRO A 744 -0.23 -38.07 4.43
CA PRO A 744 -0.92 -36.86 4.83
C PRO A 744 -0.46 -35.59 4.11
N GLU A 745 0.78 -35.64 3.61
CA GLU A 745 1.35 -34.54 2.85
C GLU A 745 0.52 -34.29 1.61
N LYS A 746 0.31 -35.35 0.80
CA LYS A 746 -0.45 -35.27 -0.42
C LYS A 746 -1.88 -34.82 -0.18
N GLU A 747 -2.61 -35.30 0.83
CA GLU A 747 -3.99 -34.86 1.02
C GLU A 747 -4.17 -33.43 1.48
N PHE A 748 -3.12 -32.98 2.21
CA PHE A 748 -3.00 -31.61 2.67
C PHE A 748 -2.84 -30.72 1.42
N LEU A 749 -1.85 -31.09 0.59
CA LEU A 749 -1.58 -30.43 -0.67
C LEU A 749 -2.81 -30.39 -1.54
N LYS A 750 -3.62 -31.42 -1.51
CA LYS A 750 -4.85 -31.41 -2.27
C LYS A 750 -5.87 -30.47 -1.64
N THR A 751 -5.76 -30.07 -0.37
CA THR A 751 -6.79 -29.23 0.23
C THR A 751 -6.45 -27.78 -0.04
N ILE A 752 -5.19 -27.39 0.11
CA ILE A 752 -4.77 -26.01 -0.11
C ILE A 752 -4.59 -25.62 -1.58
N THR A 753 -4.18 -24.38 -1.77
CA THR A 753 -3.73 -23.78 -3.01
C THR A 753 -2.93 -24.79 -3.86
N GLY A 754 -3.45 -25.15 -5.05
CA GLY A 754 -2.78 -26.09 -5.95
C GLY A 754 -1.68 -25.39 -6.73
N LYS A 755 -0.81 -26.11 -7.41
CA LYS A 755 0.37 -25.51 -7.99
C LYS A 755 0.22 -24.26 -8.79
N LYS A 756 -0.68 -24.15 -9.76
CA LYS A 756 -0.69 -22.99 -10.65
C LYS A 756 -0.85 -21.67 -9.94
N GLU A 757 -1.74 -21.71 -8.96
CA GLU A 757 -2.05 -20.55 -8.15
C GLU A 757 -1.01 -20.29 -7.09
N THR A 758 -0.25 -21.34 -6.72
CA THR A 758 0.86 -21.19 -5.81
C THR A 758 1.93 -20.34 -6.50
N LEU A 759 2.22 -20.70 -7.76
CA LEU A 759 3.19 -19.99 -8.59
C LEU A 759 2.82 -18.55 -8.93
N ILE A 760 1.54 -18.24 -9.20
CA ILE A 760 1.23 -16.87 -9.55
C ILE A 760 1.26 -16.08 -8.28
N ASP A 761 0.79 -16.65 -7.18
CA ASP A 761 0.85 -16.05 -5.84
C ASP A 761 2.24 -15.59 -5.46
N LEU A 762 3.13 -16.58 -5.44
CA LEU A 762 4.52 -16.40 -5.16
C LEU A 762 5.21 -15.35 -6.00
N THR A 763 4.97 -15.29 -7.31
CA THR A 763 5.64 -14.33 -8.19
C THR A 763 5.21 -12.87 -7.91
N ILE A 764 3.93 -12.60 -7.67
CA ILE A 764 3.39 -11.34 -7.25
C ILE A 764 3.98 -10.89 -5.91
N ILE A 765 3.69 -11.60 -4.80
CA ILE A 765 4.13 -11.23 -3.45
C ILE A 765 5.63 -11.18 -3.26
N GLU A 766 6.45 -11.70 -4.16
CA GLU A 766 7.89 -11.54 -4.06
C GLU A 766 8.29 -10.13 -4.51
N ILE A 767 7.83 -9.75 -5.70
CA ILE A 767 8.02 -8.42 -6.24
C ILE A 767 7.42 -7.47 -5.21
N LEU A 768 6.22 -7.72 -4.73
CA LEU A 768 5.53 -6.88 -3.77
C LEU A 768 6.27 -6.67 -2.46
N SER A 769 7.24 -7.50 -2.15
CA SER A 769 7.99 -7.42 -0.91
C SER A 769 9.37 -6.76 -1.05
N ARG A 770 9.68 -6.40 -2.27
CA ARG A 770 10.95 -5.81 -2.62
C ARG A 770 10.98 -4.30 -2.39
N HIS A 771 12.16 -3.79 -2.02
CA HIS A 771 12.38 -2.38 -1.83
C HIS A 771 13.24 -1.98 -3.02
N ALA A 772 12.74 -1.00 -3.75
CA ALA A 772 13.48 -0.51 -4.90
C ALA A 772 14.69 0.21 -4.38
N SER A 773 15.79 0.15 -5.13
CA SER A 773 16.99 0.82 -4.67
C SER A 773 16.83 2.32 -4.54
N ASP A 774 15.86 2.91 -5.25
CA ASP A 774 15.54 4.33 -5.17
C ASP A 774 14.32 4.66 -4.30
N GLU A 775 14.08 3.80 -3.30
CA GLU A 775 12.98 4.01 -2.37
C GLU A 775 13.21 5.17 -1.37
N PHE A 776 12.14 5.84 -0.91
CA PHE A 776 12.22 6.90 0.07
C PHE A 776 11.57 6.53 1.41
N TYR A 777 12.42 6.15 2.37
CA TYR A 777 11.96 5.71 3.68
C TYR A 777 11.66 6.85 4.62
N LEU A 778 10.98 6.57 5.75
CA LEU A 778 10.66 7.59 6.71
C LEU A 778 11.98 8.14 7.26
N GLY A 779 11.87 9.43 7.59
CA GLY A 779 12.97 10.28 8.02
C GLY A 779 13.60 10.92 6.79
N GLN A 780 14.80 11.52 6.98
CA GLN A 780 15.80 12.11 6.05
C GLN A 780 15.54 12.43 4.56
N ARG A 781 14.51 11.69 4.12
CA ARG A 781 13.95 11.52 2.80
C ARG A 781 12.65 12.20 2.53
N ASP A 782 12.77 13.19 1.60
CA ASP A 782 11.71 14.00 0.98
C ASP A 782 12.34 14.27 -0.45
N GLY A 783 11.94 15.27 -1.28
CA GLY A 783 12.63 15.59 -2.55
C GLY A 783 13.35 16.96 -2.53
N GLY A 784 14.68 16.99 -2.21
CA GLY A 784 15.55 18.18 -2.12
C GLY A 784 15.87 18.70 -0.70
N ASP A 785 17.02 19.35 -0.42
CA ASP A 785 17.33 19.94 0.89
C ASP A 785 16.61 21.27 1.08
N TYR A 786 16.23 21.84 -0.07
CA TYR A 786 15.60 23.13 -0.12
C TYR A 786 14.13 22.91 -0.48
N TRP A 787 13.45 21.83 -0.04
CA TRP A 787 12.04 21.67 -0.36
C TRP A 787 11.15 22.79 0.21
N THR A 788 11.69 23.45 1.27
CA THR A 788 11.12 24.65 1.85
C THR A 788 12.25 25.59 2.23
N SER A 789 11.79 26.85 2.24
CA SER A 789 12.50 28.07 2.65
C SER A 789 12.84 28.04 4.13
N ASP A 790 11.78 27.71 4.89
CA ASP A 790 11.71 27.73 6.32
C ASP A 790 12.63 26.74 6.94
N ALA A 791 13.52 27.40 7.67
CA ALA A 791 14.68 26.86 8.35
C ALA A 791 14.32 26.07 9.60
N GLY A 792 13.27 26.52 10.28
CA GLY A 792 12.70 25.84 11.42
C GLY A 792 12.29 24.44 11.01
N PRO A 793 11.25 24.18 10.17
CA PRO A 793 10.87 22.86 9.72
C PRO A 793 11.99 22.04 9.12
N LEU A 794 12.95 22.62 8.41
CA LEU A 794 14.04 21.81 7.88
C LEU A 794 14.83 21.10 8.94
N GLU A 795 15.03 21.78 10.08
CA GLU A 795 15.84 21.24 11.16
C GLU A 795 15.01 20.37 12.11
N ALA A 796 13.70 20.62 12.10
CA ALA A 796 12.73 19.80 12.81
C ALA A 796 12.43 18.47 12.14
N PHE A 797 12.89 18.31 10.90
CA PHE A 797 12.72 17.12 10.07
C PHE A 797 14.03 16.29 10.10
N LYS A 798 15.14 16.91 10.49
CA LYS A 798 16.40 16.19 10.66
C LYS A 798 16.38 15.55 12.04
N ARG A 799 15.79 16.23 13.03
CA ARG A 799 15.59 15.72 14.37
C ARG A 799 14.63 14.55 14.32
N PHE A 800 13.44 14.66 13.70
CA PHE A 800 12.54 13.53 13.46
C PHE A 800 13.32 12.40 12.76
N GLY A 801 14.12 12.65 11.72
CA GLY A 801 14.94 11.61 11.12
C GLY A 801 16.01 11.02 12.04
N LYS A 802 16.55 11.77 13.01
CA LYS A 802 17.56 11.29 13.96
C LYS A 802 16.84 10.40 14.96
N ASN A 803 15.62 10.82 15.32
CA ASN A 803 14.75 10.16 16.27
C ASN A 803 14.48 8.75 15.79
N LEU A 804 14.22 8.54 14.49
CA LEU A 804 14.00 7.21 13.94
C LEU A 804 15.29 6.41 14.07
N GLU A 805 16.48 7.00 13.84
CA GLU A 805 17.75 6.30 14.00
C GLU A 805 17.92 5.66 15.39
N GLU A 806 17.44 6.44 16.36
CA GLU A 806 17.48 6.09 17.76
C GLU A 806 16.50 5.00 18.12
N ILE A 807 15.27 5.17 17.62
CA ILE A 807 14.20 4.21 17.77
C ILE A 807 14.59 2.89 17.09
N GLU A 808 15.35 2.90 15.99
CA GLU A 808 15.76 1.66 15.37
C GLU A 808 16.75 0.92 16.25
N LYS A 809 17.55 1.71 16.99
CA LYS A 809 18.51 1.16 17.94
C LYS A 809 17.85 0.50 19.11
N LYS A 810 16.72 0.99 19.56
CA LYS A 810 15.95 0.39 20.64
C LYS A 810 15.27 -0.91 20.14
N LEU A 811 14.89 -0.96 18.86
CA LEU A 811 14.27 -2.11 18.22
C LEU A 811 15.27 -3.22 17.97
N ILE A 812 16.44 -2.89 17.45
CA ILE A 812 17.58 -3.78 17.32
C ILE A 812 17.92 -4.35 18.68
N GLU A 813 17.66 -3.63 19.78
CA GLU A 813 17.94 -4.14 21.11
C GLU A 813 16.95 -5.23 21.49
N LYS A 814 15.65 -4.96 21.37
CA LYS A 814 14.64 -5.97 21.60
C LYS A 814 14.75 -7.27 20.77
N ASN A 815 15.51 -7.28 19.67
CA ASN A 815 15.76 -8.48 18.87
C ASN A 815 17.06 -9.10 19.30
N ASN A 816 17.73 -8.58 20.32
CA ASN A 816 18.83 -9.31 20.91
C ASN A 816 18.43 -9.87 22.27
N ASP A 817 17.29 -9.36 22.75
CA ASP A 817 16.69 -9.86 23.96
C ASP A 817 15.99 -11.11 23.52
N GLU A 818 16.54 -12.18 24.10
CA GLU A 818 16.02 -13.50 23.80
C GLU A 818 14.91 -13.93 24.75
N THR A 819 14.40 -12.95 25.49
CA THR A 819 13.29 -13.08 26.43
C THR A 819 11.94 -12.93 25.75
N LEU A 820 11.97 -12.00 24.78
CA LEU A 820 10.85 -11.70 23.91
C LEU A 820 10.91 -12.68 22.73
N ARG A 821 10.24 -13.83 22.94
CA ARG A 821 10.23 -14.92 21.98
C ARG A 821 9.25 -14.71 20.84
N ASN A 822 8.18 -13.99 21.14
CA ASN A 822 7.23 -13.55 20.14
C ASN A 822 7.85 -12.74 19.01
N ARG A 823 9.09 -12.29 19.14
CA ARG A 823 9.64 -11.53 18.04
C ARG A 823 10.77 -12.30 17.40
N TYR A 824 10.61 -13.62 17.40
CA TYR A 824 11.60 -14.53 16.86
C TYR A 824 10.91 -15.81 16.42
N GLY A 825 10.47 -16.58 17.40
CA GLY A 825 9.68 -17.79 17.26
C GLY A 825 10.39 -19.09 16.85
N PRO A 826 9.58 -20.14 16.67
CA PRO A 826 10.01 -21.39 16.07
C PRO A 826 10.71 -21.14 14.74
N ALA A 827 10.30 -20.05 14.09
CA ALA A 827 10.82 -19.57 12.82
C ALA A 827 12.19 -18.91 12.89
N LYS A 828 12.57 -18.47 14.11
CA LYS A 828 13.82 -17.74 14.38
C LYS A 828 13.91 -16.47 13.54
N MET A 829 12.80 -15.73 13.49
CA MET A 829 12.60 -14.55 12.65
C MET A 829 12.40 -13.27 13.46
N PRO A 830 13.50 -12.57 13.81
CA PRO A 830 13.50 -11.32 14.53
C PRO A 830 12.61 -10.40 13.74
N TYR A 831 11.54 -9.97 14.39
CA TYR A 831 10.59 -9.08 13.78
C TYR A 831 11.21 -7.75 13.40
N THR A 832 11.84 -7.76 12.23
CA THR A 832 12.52 -6.63 11.65
C THR A 832 11.59 -5.70 10.88
N LEU A 833 10.26 -5.89 10.82
CA LEU A 833 9.41 -5.08 9.96
C LEU A 833 9.22 -3.61 10.22
N LEU A 834 9.18 -3.21 11.49
CA LEU A 834 9.03 -1.81 11.82
C LEU A 834 10.35 -1.02 12.06
N TYR A 835 11.47 -1.64 11.60
CA TYR A 835 12.77 -1.00 11.57
C TYR A 835 12.66 0.07 10.51
N PRO A 836 12.70 1.39 10.75
CA PRO A 836 12.37 2.42 9.76
C PRO A 836 13.25 2.57 8.53
N SER A 837 14.30 1.77 8.40
CA SER A 837 15.24 1.93 7.31
C SER A 837 15.64 0.62 6.69
N SER A 838 16.25 0.66 5.50
CA SER A 838 16.61 -0.53 4.80
C SER A 838 17.42 -0.32 3.53
N GLU A 839 18.06 -1.45 3.21
CA GLU A 839 18.80 -1.63 1.98
C GLU A 839 17.78 -2.11 0.93
N GLU A 840 18.07 -2.02 -0.37
CA GLU A 840 17.19 -2.51 -1.40
C GLU A 840 17.01 -4.03 -1.29
N GLY A 841 16.12 -4.58 -2.12
CA GLY A 841 15.93 -6.01 -2.12
C GLY A 841 14.76 -6.39 -1.25
N LEU A 842 14.76 -7.66 -0.92
CA LEU A 842 13.61 -8.18 -0.22
C LEU A 842 13.98 -8.48 1.22
N THR A 843 14.36 -7.39 1.89
CA THR A 843 14.72 -7.34 3.31
C THR A 843 13.45 -7.53 4.10
N PHE A 844 13.50 -7.93 5.34
CA PHE A 844 12.24 -8.05 6.04
C PHE A 844 12.09 -6.73 6.80
N ARG A 845 12.58 -5.60 6.26
CA ARG A 845 12.67 -4.33 7.00
C ARG A 845 12.49 -3.10 6.18
N GLY A 846 12.29 -1.95 6.82
CA GLY A 846 12.22 -0.69 6.11
C GLY A 846 10.81 -0.18 6.05
N ILE A 847 10.66 1.10 6.38
CA ILE A 847 9.39 1.83 6.32
C ILE A 847 9.47 2.94 5.25
N PRO A 848 9.06 2.77 3.97
CA PRO A 848 8.87 3.86 3.03
C PRO A 848 7.89 4.90 3.53
N ASN A 849 8.00 6.11 3.01
CA ASN A 849 7.05 7.15 3.32
C ASN A 849 5.66 6.83 2.89
N SER A 850 5.54 6.06 1.81
CA SER A 850 4.30 5.83 1.10
C SER A 850 4.07 4.39 0.65
N ILE A 851 2.85 4.24 0.09
CA ILE A 851 2.42 3.00 -0.52
C ILE A 851 3.05 2.97 -1.91
N SER A 852 4.25 2.42 -2.01
CA SER A 852 4.94 2.46 -3.29
C SER A 852 4.90 1.16 -4.10
N ILE A 853 4.31 0.11 -3.50
CA ILE A 853 4.04 -1.19 -4.12
C ILE A 853 2.73 -1.74 -3.61
#